data_5X03
#
_entry.id   5X03
#
_cell.length_a   118.497
_cell.length_b   118.497
_cell.length_c   75.862
_cell.angle_alpha   90.00
_cell.angle_beta   90.00
_cell.angle_gamma   90.00
#
_symmetry.space_group_name_H-M   'P 41'
#
loop_
_entity.id
_entity.type
_entity.pdbx_description
1 polymer 'HTH-type transcriptional regulatory protein GabR'
2 polymer 'HTH-type transcriptional regulatory protein GabR'
3 non-polymer "PYRIDOXAL-5'-PHOSPHATE"
4 non-polymer 'GAMMA-AMINO-BUTANOIC ACID'
5 water water
#
loop_
_entity_poly.entity_id
_entity_poly.type
_entity_poly.pdbx_seq_one_letter_code
_entity_poly.pdbx_strand_id
1 'polypeptide(L)'
;DWISFSHMSSDTDHFPIKSWFRCEQKAASRSYRTLGDMSHPQGIYEVRAAITRLISLTRGVKCRPEQMIIGAGTQVLMQL
LTELLPKEAVYAMEEPGYRRMYQLLKNAGKQVKTIMLDEKGMSIAEITRQQPDVLVTTPSHQFPSGTIMPVSRRIQLLNW
AAEEPRRYIIEDDYDSEFTYDVDSIPALQSLDRFQNVIYMGTFSKSLLPGLRISYMVLPPELLRAYKQRGYDLQTCSSLT
QLTLQEFIESGEYQKHIKKMKQHYKEKRERLITALEAEFSGEVTVKGANAGLHFVTEFDTRRTEQDILSHAAGLQLEIFG
MSRFNLKENKRQTGRPALIIGFARLKEEDIQEGVQRLFKAVYG
;
A
2 'polypeptide(L)'
;DWISFSHMSSDTDHFPIKSWFRCEQKAASRSYRTLGDMSHPQGIYEVRAAITRLISLTRGVKCRPEQMIIGAGTQVLMQL
LTELLPKEAVYAMEEPGYRRMYQLLKNAGKQVKTIMLDEKGMSIAEITRQQPDVLVTTPSHQFPSGTIMPVSRRIQLLNW
AAEEPRRYIIEDDYDSEFTYDVDSIPALQSLDRFQNVIYMGTFSKSLLPGLRISYMVLPPELLRAYKQRGYDLQTCSSLT
QLTLQEFIESGEYQKHIKKMKQHYKEKRERLITALEAEFSGEVTVKGANAGLHFVTEFDTRRTEQDILSHAAGLQLEIFG
MSRFNLKENKRQTGRPALIIGFARLKEEDIQEGVQRLFKAVYGHR
;
B
#
loop_
_chem_comp.id
_chem_comp.type
_chem_comp.name
_chem_comp.formula
ABU non-polymer 'GAMMA-AMINO-BUTANOIC ACID' 'C4 H9 N O2'
PLP non-polymer PYRIDOXAL-5'-PHOSPHATE 'C8 H10 N O6 P'
#
# COMPACT_ATOMS: atom_id res chain seq x y z
N ASP A 1 13.94 6.93 -28.10
CA ASP A 1 13.96 6.31 -29.42
C ASP A 1 13.16 5.02 -29.48
N TRP A 2 12.85 4.48 -28.32
CA TRP A 2 12.07 3.26 -28.24
C TRP A 2 10.65 3.48 -28.74
N ILE A 3 10.08 2.43 -29.33
CA ILE A 3 8.65 2.40 -29.61
C ILE A 3 8.05 1.30 -28.74
N SER A 4 6.86 1.53 -28.22
CA SER A 4 6.32 0.65 -27.19
C SER A 4 4.98 0.06 -27.55
N PHE A 5 4.92 -1.25 -27.67
CA PHE A 5 3.65 -1.94 -27.84
C PHE A 5 3.23 -2.54 -26.49
N SER A 6 3.68 -1.91 -25.40
CA SER A 6 3.34 -2.36 -24.06
C SER A 6 1.85 -2.26 -23.75
N HIS A 7 1.35 -3.21 -22.96
CA HIS A 7 -0.03 -3.21 -22.47
C HIS A 7 -0.04 -2.75 -21.02
N MET A 8 1.16 -2.47 -20.50
CA MET A 8 1.36 -2.13 -19.11
C MET A 8 1.59 -0.64 -18.92
N SER A 9 1.62 0.12 -20.01
CA SER A 9 2.04 1.51 -19.92
C SER A 9 1.00 2.43 -20.52
N SER A 10 1.09 3.72 -20.17
CA SER A 10 0.26 4.75 -20.79
C SER A 10 1.12 5.93 -21.23
N ASP A 11 0.66 6.63 -22.26
CA ASP A 11 1.28 7.86 -22.71
C ASP A 11 0.87 8.95 -21.73
N THR A 12 1.84 9.66 -21.19
CA THR A 12 1.55 10.74 -20.26
C THR A 12 0.89 11.90 -20.99
N ASP A 13 1.07 11.95 -22.30
CA ASP A 13 0.61 13.06 -23.13
C ASP A 13 -0.90 13.18 -23.22
N HIS A 14 -1.61 12.07 -23.13
CA HIS A 14 -3.07 12.15 -23.22
C HIS A 14 -3.77 12.25 -21.88
N PHE A 15 -3.03 12.09 -20.79
CA PHE A 15 -3.60 12.28 -19.47
C PHE A 15 -3.56 13.76 -19.10
N PRO A 16 -4.72 14.33 -18.76
CA PRO A 16 -4.77 15.72 -18.31
C PRO A 16 -4.10 15.86 -16.96
N ILE A 17 -2.77 15.94 -16.92
CA ILE A 17 -2.06 16.02 -15.65
C ILE A 17 -2.28 17.37 -14.98
N LYS A 18 -2.60 18.40 -15.74
CA LYS A 18 -2.81 19.71 -15.12
C LYS A 18 -4.18 19.77 -14.47
N SER A 19 -5.17 19.13 -15.05
CA SER A 19 -6.45 19.04 -14.36
C SER A 19 -6.27 18.32 -13.04
N TRP A 20 -5.55 17.20 -13.06
CA TRP A 20 -5.35 16.42 -11.86
C TRP A 20 -4.78 17.24 -10.71
N PHE A 21 -3.73 18.01 -10.97
CA PHE A 21 -3.13 18.88 -9.96
C PHE A 21 -4.08 19.98 -9.51
N ARG A 22 -4.96 20.42 -10.40
CA ARG A 22 -5.94 21.45 -10.07
C ARG A 22 -6.98 20.87 -9.12
N CYS A 23 -7.38 19.64 -9.35
CA CYS A 23 -8.28 18.98 -8.43
C CYS A 23 -7.60 18.80 -7.08
N GLU A 24 -6.30 18.55 -7.10
CA GLU A 24 -5.56 18.31 -5.87
C GLU A 24 -5.51 19.55 -5.00
N GLN A 25 -5.33 20.72 -5.61
CA GLN A 25 -5.35 21.97 -4.88
C GLN A 25 -6.74 22.20 -4.31
N LYS A 26 -7.76 21.80 -5.07
CA LYS A 26 -9.14 21.95 -4.64
C LYS A 26 -9.46 21.02 -3.48
N ALA A 27 -9.08 19.75 -3.61
CA ALA A 27 -9.23 18.81 -2.50
C ALA A 27 -8.49 19.29 -1.27
N ALA A 28 -7.27 19.78 -1.45
CA ALA A 28 -6.47 20.26 -0.33
C ALA A 28 -7.14 21.42 0.38
N SER A 29 -7.55 22.43 -0.38
CA SER A 29 -8.22 23.58 0.23
C SER A 29 -9.58 23.19 0.81
N ARG A 30 -10.21 22.16 0.27
CA ARG A 30 -11.49 21.74 0.83
C ARG A 30 -11.32 21.09 2.20
N SER A 31 -10.29 20.25 2.34
CA SER A 31 -10.11 19.46 3.55
C SER A 31 -8.77 19.71 4.22
N TYR A 32 -8.29 20.94 4.12
CA TYR A 32 -6.98 21.32 4.64
C TYR A 32 -6.77 20.92 6.09
N ARG A 33 -7.81 21.06 6.90
CA ARG A 33 -7.67 20.82 8.34
C ARG A 33 -7.33 19.38 8.69
N THR A 34 -7.75 18.45 7.83
CA THR A 34 -7.69 17.03 8.15
C THR A 34 -7.02 16.19 7.07
N LEU A 35 -6.48 16.83 6.04
CA LEU A 35 -5.64 16.14 5.05
C LEU A 35 -4.57 15.36 5.77
N GLY A 36 -4.16 15.91 6.90
CA GLY A 36 -3.06 15.38 7.66
C GLY A 36 -3.24 13.95 8.12
N ASP A 37 -4.50 13.57 8.34
CA ASP A 37 -4.80 12.36 9.08
C ASP A 37 -5.11 11.17 8.18
N MET A 38 -5.17 10.00 8.82
CA MET A 38 -5.59 8.76 8.16
C MET A 38 -7.09 8.80 7.89
N SER A 39 -7.53 8.11 6.84
CA SER A 39 -8.96 8.02 6.59
C SER A 39 -9.57 6.80 7.29
N HIS A 40 -10.88 6.69 7.21
CA HIS A 40 -11.59 5.46 7.55
C HIS A 40 -10.83 4.36 6.82
N PRO A 41 -10.63 3.19 7.46
CA PRO A 41 -9.81 2.12 6.87
C PRO A 41 -10.25 1.68 5.47
N GLN A 42 -11.54 1.70 5.18
CA GLN A 42 -12.03 1.34 3.86
C GLN A 42 -11.84 2.48 2.88
N GLY A 43 -11.48 3.64 3.39
CA GLY A 43 -11.41 4.84 2.59
C GLY A 43 -12.53 5.80 2.94
N ILE A 44 -12.33 7.08 2.62
CA ILE A 44 -13.31 8.10 2.91
C ILE A 44 -14.67 7.75 2.34
N TYR A 45 -15.70 7.92 3.15
CA TYR A 45 -17.02 7.50 2.76
C TYR A 45 -17.54 8.24 1.54
N GLU A 46 -17.42 9.56 1.56
CA GLU A 46 -17.90 10.38 0.47
C GLU A 46 -17.22 10.00 -0.85
N VAL A 47 -15.96 9.60 -0.74
CA VAL A 47 -15.18 9.17 -1.90
C VAL A 47 -15.65 7.81 -2.38
N ARG A 48 -15.87 6.90 -1.45
CA ARG A 48 -16.47 5.62 -1.79
C ARG A 48 -17.84 5.81 -2.42
N ALA A 49 -18.54 6.86 -2.01
CA ALA A 49 -19.86 7.13 -2.56
C ALA A 49 -19.77 7.59 -4.01
N ALA A 50 -18.82 8.46 -4.31
CA ALA A 50 -18.61 8.95 -5.67
C ALA A 50 -18.33 7.80 -6.63
N ILE A 51 -17.43 6.90 -6.22
CA ILE A 51 -17.07 5.73 -7.02
C ILE A 51 -18.29 4.85 -7.22
N THR A 52 -19.02 4.63 -6.14
CA THR A 52 -20.23 3.81 -6.18
C THR A 52 -21.14 4.30 -7.27
N ARG A 53 -21.37 5.60 -7.28
CA ARG A 53 -22.20 6.21 -8.31
C ARG A 53 -21.59 6.00 -9.68
N LEU A 54 -20.27 6.15 -9.79
CA LEU A 54 -19.61 6.00 -11.09
C LEU A 54 -19.77 4.61 -11.68
N ILE A 55 -19.40 3.59 -10.92
CA ILE A 55 -19.49 2.22 -11.43
C ILE A 55 -20.92 1.68 -11.54
N SER A 56 -21.84 2.25 -10.79
CA SER A 56 -23.24 1.91 -11.00
C SER A 56 -23.66 2.49 -12.35
N LEU A 57 -23.18 3.68 -12.67
CA LEU A 57 -23.53 4.35 -13.93
C LEU A 57 -22.93 3.60 -15.11
N THR A 58 -21.63 3.32 -15.04
CA THR A 58 -20.93 2.70 -16.14
C THR A 58 -21.09 1.18 -16.21
N ARG A 59 -20.99 0.49 -15.09
CA ARG A 59 -20.95 -0.95 -15.15
C ARG A 59 -22.22 -1.59 -14.60
N GLY A 60 -23.13 -0.75 -14.13
CA GLY A 60 -24.40 -1.22 -13.62
C GLY A 60 -24.24 -1.93 -12.31
N VAL A 61 -23.08 -1.76 -11.67
CA VAL A 61 -22.78 -2.43 -10.42
C VAL A 61 -23.70 -1.91 -9.31
N LYS A 62 -24.35 -2.83 -8.59
CA LYS A 62 -25.31 -2.47 -7.56
C LYS A 62 -24.71 -2.60 -6.18
N CYS A 63 -24.44 -1.49 -5.50
CA CYS A 63 -24.00 -1.59 -4.12
C CYS A 63 -24.17 -0.33 -3.29
N ARG A 64 -23.93 -0.50 -1.99
CA ARG A 64 -23.93 0.60 -1.03
C ARG A 64 -22.48 0.94 -0.75
N PRO A 65 -22.19 2.22 -0.53
CA PRO A 65 -20.80 2.60 -0.37
C PRO A 65 -20.08 1.87 0.77
N GLU A 66 -20.80 1.34 1.75
CA GLU A 66 -20.14 0.71 2.89
C GLU A 66 -19.56 -0.64 2.52
N GLN A 67 -19.93 -1.13 1.34
CA GLN A 67 -19.44 -2.42 0.87
C GLN A 67 -18.11 -2.26 0.15
N MET A 68 -17.67 -1.03 -0.06
CA MET A 68 -16.49 -0.78 -0.86
C MET A 68 -15.24 -0.65 -0.01
N ILE A 69 -14.14 -1.16 -0.53
CA ILE A 69 -12.85 -1.03 0.11
C ILE A 69 -11.86 -0.48 -0.90
N ILE A 70 -11.21 0.62 -0.56
CA ILE A 70 -10.23 1.24 -1.44
C ILE A 70 -8.83 0.82 -1.01
N GLY A 71 -7.93 0.64 -1.98
CA GLY A 71 -6.61 0.16 -1.70
C GLY A 71 -5.60 0.63 -2.71
N ALA A 72 -4.32 0.49 -2.39
CA ALA A 72 -3.26 1.00 -3.24
C ALA A 72 -2.78 -0.13 -4.14
N GLY A 73 -3.67 -0.60 -4.99
CA GLY A 73 -3.37 -1.71 -5.89
C GLY A 73 -4.35 -2.89 -5.79
N THR A 74 -4.58 -3.56 -6.91
CA THR A 74 -5.44 -4.72 -6.92
C THR A 74 -4.84 -5.82 -6.08
N GLN A 75 -3.52 -5.80 -5.94
CA GLN A 75 -2.88 -6.95 -5.34
C GLN A 75 -2.91 -6.89 -3.82
N VAL A 76 -3.02 -5.69 -3.26
CA VAL A 76 -3.23 -5.54 -1.82
C VAL A 76 -4.66 -5.91 -1.43
N LEU A 77 -5.59 -5.70 -2.36
CA LEU A 77 -6.99 -6.03 -2.12
C LEU A 77 -7.26 -7.50 -2.34
N MET A 78 -6.57 -8.06 -3.32
CA MET A 78 -6.60 -9.50 -3.53
C MET A 78 -6.06 -10.26 -2.31
N GLN A 79 -4.94 -9.80 -1.76
CA GLN A 79 -4.39 -10.42 -0.56
C GLN A 79 -5.42 -10.42 0.57
N LEU A 80 -5.92 -9.22 0.91
CA LEU A 80 -6.99 -9.07 1.89
C LEU A 80 -8.14 -10.04 1.66
N LEU A 81 -8.61 -10.08 0.41
CA LEU A 81 -9.69 -10.97 0.01
C LEU A 81 -9.43 -12.43 0.33
N THR A 82 -8.20 -12.90 0.10
CA THR A 82 -7.85 -14.27 0.45
C THR A 82 -8.01 -14.54 1.94
N GLU A 83 -8.01 -13.46 2.72
CA GLU A 83 -8.13 -13.55 4.16
C GLU A 83 -9.58 -13.47 4.61
N LEU A 84 -10.44 -12.89 3.78
CA LEU A 84 -11.88 -12.82 4.03
C LEU A 84 -12.61 -14.08 3.58
N LEU A 85 -12.16 -14.64 2.45
CA LEU A 85 -12.74 -15.84 1.87
C LEU A 85 -12.34 -17.07 2.70
N PRO A 86 -13.13 -18.15 2.63
CA PRO A 86 -12.76 -19.34 3.40
C PRO A 86 -11.29 -19.75 3.24
N LYS A 87 -10.63 -20.07 4.35
CA LYS A 87 -9.22 -20.45 4.35
C LYS A 87 -8.90 -21.64 3.45
N GLU A 88 -9.84 -22.57 3.37
CA GLU A 88 -9.59 -23.79 2.61
C GLU A 88 -10.22 -23.77 1.21
N ALA A 89 -10.58 -22.58 0.74
CA ALA A 89 -11.16 -22.40 -0.58
C ALA A 89 -10.22 -22.83 -1.71
N VAL A 90 -10.78 -23.49 -2.72
CA VAL A 90 -10.01 -23.84 -3.90
C VAL A 90 -10.27 -22.81 -4.99
N TYR A 91 -9.20 -22.18 -5.45
CA TYR A 91 -9.31 -21.08 -6.39
C TYR A 91 -9.16 -21.56 -7.82
N ALA A 92 -9.73 -20.81 -8.76
CA ALA A 92 -9.61 -21.14 -10.18
C ALA A 92 -9.34 -19.90 -11.04
N MET A 93 -8.35 -20.02 -11.93
CA MET A 93 -7.90 -18.91 -12.75
C MET A 93 -7.97 -19.20 -14.24
N GLU A 94 -8.09 -18.16 -15.04
CA GLU A 94 -8.06 -18.33 -16.48
C GLU A 94 -6.68 -18.76 -16.94
N GLU A 95 -6.62 -19.69 -17.89
CA GLU A 95 -5.37 -20.12 -18.50
C GLU A 95 -5.43 -19.94 -20.01
N PRO A 96 -4.69 -18.95 -20.57
CA PRO A 96 -3.68 -18.08 -19.98
C PRO A 96 -4.31 -17.01 -19.15
N GLY A 97 -3.54 -16.40 -18.26
CA GLY A 97 -4.08 -15.41 -17.34
C GLY A 97 -2.98 -14.63 -16.65
N TYR A 98 -3.36 -13.91 -15.61
CA TYR A 98 -2.44 -13.03 -14.88
C TYR A 98 -1.51 -13.82 -13.96
N ARG A 99 -0.26 -13.96 -14.38
CA ARG A 99 0.73 -14.77 -13.64
C ARG A 99 1.01 -14.28 -12.22
N ARG A 100 0.87 -12.97 -11.98
CA ARG A 100 1.10 -12.45 -10.64
C ARG A 100 0.10 -13.02 -9.65
N MET A 101 -1.17 -13.01 -10.03
CA MET A 101 -2.21 -13.48 -9.14
C MET A 101 -2.06 -14.96 -8.88
N TYR A 102 -1.66 -15.70 -9.91
CA TYR A 102 -1.39 -17.11 -9.76
C TYR A 102 -0.35 -17.30 -8.68
N GLN A 103 0.77 -16.60 -8.83
CA GLN A 103 1.86 -16.66 -7.85
C GLN A 103 1.39 -16.22 -6.46
N LEU A 104 0.51 -15.22 -6.40
CA LEU A 104 0.01 -14.72 -5.11
C LEU A 104 -0.78 -15.80 -4.39
N LEU A 105 -1.64 -16.49 -5.11
CA LEU A 105 -2.48 -17.51 -4.52
C LEU A 105 -1.67 -18.70 -4.03
N LYS A 106 -0.72 -19.14 -4.85
CA LYS A 106 0.11 -20.30 -4.54
C LYS A 106 0.91 -20.04 -3.29
N ASN A 107 1.47 -18.84 -3.23
CA ASN A 107 2.31 -18.46 -2.12
C ASN A 107 1.48 -18.33 -0.86
N ALA A 108 0.17 -18.19 -1.02
CA ALA A 108 -0.73 -18.21 0.12
C ALA A 108 -1.12 -19.64 0.51
N GLY A 109 -0.52 -20.64 -0.13
CA GLY A 109 -0.82 -22.04 0.17
C GLY A 109 -2.17 -22.53 -0.35
N LYS A 110 -2.69 -21.88 -1.37
CA LYS A 110 -3.98 -22.27 -1.92
C LYS A 110 -3.80 -23.25 -3.08
N GLN A 111 -4.84 -24.01 -3.40
CA GLN A 111 -4.82 -24.81 -4.60
C GLN A 111 -5.44 -23.92 -5.67
N VAL A 112 -4.78 -23.81 -6.80
CA VAL A 112 -5.35 -23.06 -7.90
C VAL A 112 -5.52 -23.95 -9.11
N LYS A 113 -6.75 -24.21 -9.50
CA LYS A 113 -6.99 -24.89 -10.75
C LYS A 113 -6.77 -23.90 -11.89
N THR A 114 -6.41 -24.39 -13.06
CA THR A 114 -6.27 -23.51 -14.23
C THR A 114 -7.33 -23.84 -15.25
N ILE A 115 -8.18 -22.85 -15.53
CA ILE A 115 -9.30 -23.03 -16.42
C ILE A 115 -8.98 -22.47 -17.80
N MET A 116 -9.12 -23.31 -18.81
CA MET A 116 -8.90 -22.96 -20.19
C MET A 116 -10.06 -22.16 -20.71
N LEU A 117 -9.87 -21.54 -21.86
CA LEU A 117 -10.87 -20.66 -22.41
C LEU A 117 -11.43 -21.20 -23.70
N ASP A 118 -12.64 -20.79 -24.03
CA ASP A 118 -13.15 -21.00 -25.36
C ASP A 118 -13.50 -19.67 -25.99
N GLU A 119 -14.24 -19.69 -27.09
CA GLU A 119 -14.62 -18.47 -27.79
C GLU A 119 -15.35 -17.46 -26.91
N LYS A 120 -15.93 -17.95 -25.80
CA LYS A 120 -16.76 -17.11 -24.94
C LYS A 120 -16.06 -16.82 -23.61
N GLY A 121 -14.80 -17.22 -23.50
CA GLY A 121 -14.02 -16.88 -22.32
C GLY A 121 -13.82 -18.09 -21.45
N MET A 122 -13.76 -17.87 -20.14
CA MET A 122 -13.52 -18.93 -19.16
C MET A 122 -14.48 -20.09 -19.37
N SER A 123 -13.92 -21.29 -19.47
CA SER A 123 -14.69 -22.50 -19.78
C SER A 123 -15.55 -23.00 -18.61
N ILE A 124 -16.86 -22.88 -18.77
CA ILE A 124 -17.78 -23.33 -17.75
C ILE A 124 -17.75 -24.84 -17.61
N ALA A 125 -17.41 -25.53 -18.70
CA ALA A 125 -17.33 -26.98 -18.68
C ALA A 125 -16.14 -27.41 -17.83
N GLU A 126 -15.05 -26.67 -17.94
CA GLU A 126 -13.87 -26.98 -17.15
C GLU A 126 -14.12 -26.67 -15.70
N ILE A 127 -14.75 -25.53 -15.44
CA ILE A 127 -15.11 -25.13 -14.09
C ILE A 127 -15.91 -26.22 -13.37
N THR A 128 -16.96 -26.72 -14.02
CA THR A 128 -17.81 -27.74 -13.41
C THR A 128 -17.03 -28.99 -13.11
N ARG A 129 -16.20 -29.40 -14.06
CA ARG A 129 -15.44 -30.62 -13.93
C ARG A 129 -14.47 -30.54 -12.75
N GLN A 130 -13.68 -29.47 -12.70
CA GLN A 130 -12.62 -29.36 -11.69
C GLN A 130 -13.13 -29.02 -10.29
N GLN A 131 -14.28 -28.36 -10.22
CA GLN A 131 -14.94 -28.04 -8.94
C GLN A 131 -14.11 -27.18 -7.99
N PRO A 132 -13.86 -25.92 -8.37
CA PRO A 132 -13.16 -25.01 -7.47
C PRO A 132 -14.16 -24.29 -6.59
N ASP A 133 -13.69 -23.50 -5.63
CA ASP A 133 -14.56 -22.74 -4.73
C ASP A 133 -14.70 -21.29 -5.16
N VAL A 134 -13.60 -20.71 -5.64
CA VAL A 134 -13.69 -19.34 -6.12
C VAL A 134 -13.00 -19.14 -7.46
N LEU A 135 -13.72 -18.47 -8.37
CA LEU A 135 -13.23 -18.18 -9.70
C LEU A 135 -12.67 -16.79 -9.73
N VAL A 136 -11.55 -16.60 -10.43
CA VAL A 136 -11.02 -15.27 -10.71
C VAL A 136 -11.18 -15.04 -12.21
N THR A 137 -11.95 -14.04 -12.60
CA THR A 137 -12.27 -13.90 -14.01
C THR A 137 -12.16 -12.44 -14.49
N THR A 138 -11.88 -12.29 -15.79
CA THR A 138 -11.79 -11.00 -16.46
C THR A 138 -12.74 -10.98 -17.63
N PRO A 139 -13.98 -10.57 -17.38
CA PRO A 139 -15.05 -10.70 -18.36
C PRO A 139 -15.08 -9.65 -19.46
N SER A 140 -14.63 -8.44 -19.15
CA SER A 140 -14.71 -7.35 -20.13
C SER A 140 -13.72 -7.51 -21.28
N HIS A 141 -12.54 -8.04 -20.96
CA HIS A 141 -11.50 -8.24 -21.96
C HIS A 141 -10.52 -9.17 -21.29
N GLN A 142 -10.66 -10.47 -21.55
CA GLN A 142 -9.88 -11.49 -20.87
C GLN A 142 -8.40 -11.17 -20.99
N PHE A 143 -7.71 -11.19 -19.86
CA PHE A 143 -6.31 -10.87 -19.81
C PHE A 143 -5.52 -12.16 -19.88
N PRO A 144 -4.75 -12.38 -20.95
CA PRO A 144 -4.42 -11.45 -22.04
C PRO A 144 -5.16 -11.71 -23.35
N SER A 145 -5.95 -12.77 -23.45
CA SER A 145 -6.49 -13.18 -24.75
C SER A 145 -7.42 -12.15 -25.38
N GLY A 146 -8.07 -11.34 -24.55
CA GLY A 146 -8.91 -10.26 -25.05
C GLY A 146 -10.33 -10.63 -25.37
N THR A 147 -10.72 -11.86 -25.05
CA THR A 147 -12.08 -12.29 -25.31
C THR A 147 -13.09 -11.63 -24.40
N ILE A 148 -14.06 -10.94 -24.99
CA ILE A 148 -15.14 -10.35 -24.25
C ILE A 148 -16.18 -11.39 -23.88
N MET A 149 -16.27 -11.73 -22.59
CA MET A 149 -17.25 -12.71 -22.14
C MET A 149 -18.70 -12.28 -22.42
N PRO A 150 -19.43 -13.08 -23.21
CA PRO A 150 -20.82 -12.72 -23.50
C PRO A 150 -21.74 -12.96 -22.30
N VAL A 151 -22.83 -12.21 -22.22
CA VAL A 151 -23.75 -12.34 -21.10
C VAL A 151 -24.24 -13.78 -20.92
N SER A 152 -24.28 -14.53 -22.01
CA SER A 152 -24.65 -15.94 -21.95
C SER A 152 -23.69 -16.71 -21.05
N ARG A 153 -22.40 -16.42 -21.17
CA ARG A 153 -21.40 -17.09 -20.33
C ARG A 153 -21.38 -16.50 -18.92
N ARG A 154 -21.62 -15.20 -18.82
CA ARG A 154 -21.75 -14.57 -17.51
C ARG A 154 -22.84 -15.22 -16.71
N ILE A 155 -23.99 -15.49 -17.32
CA ILE A 155 -25.06 -16.16 -16.61
C ILE A 155 -24.68 -17.58 -16.23
N GLN A 156 -23.98 -18.30 -17.11
CA GLN A 156 -23.51 -19.65 -16.82
C GLN A 156 -22.66 -19.70 -15.55
N LEU A 157 -21.77 -18.72 -15.41
CA LEU A 157 -20.95 -18.65 -14.22
C LEU A 157 -21.79 -18.26 -13.01
N LEU A 158 -22.78 -17.40 -13.19
CA LEU A 158 -23.60 -16.99 -12.07
C LEU A 158 -24.50 -18.14 -11.60
N ASN A 159 -24.93 -18.99 -12.51
CA ASN A 159 -25.75 -20.13 -12.12
C ASN A 159 -24.91 -21.16 -11.39
N TRP A 160 -23.67 -21.34 -11.81
CA TRP A 160 -22.74 -22.24 -11.15
C TRP A 160 -22.56 -21.85 -9.69
N ALA A 161 -22.22 -20.59 -9.45
CA ALA A 161 -22.06 -20.07 -8.10
C ALA A 161 -23.33 -20.17 -7.25
N ALA A 162 -24.48 -20.18 -7.89
CA ALA A 162 -25.73 -20.25 -7.13
C ALA A 162 -26.04 -21.68 -6.69
N GLU A 163 -25.51 -22.66 -7.42
CA GLU A 163 -25.90 -24.06 -7.22
C GLU A 163 -25.39 -24.66 -5.93
N GLU A 164 -24.37 -24.05 -5.35
CA GLU A 164 -23.85 -24.54 -4.08
C GLU A 164 -23.46 -23.38 -3.20
N PRO A 165 -23.55 -23.55 -1.88
CA PRO A 165 -23.21 -22.46 -0.98
C PRO A 165 -21.72 -22.23 -0.97
N ARG A 166 -21.30 -21.00 -0.67
CA ARG A 166 -19.89 -20.66 -0.49
C ARG A 166 -19.05 -20.83 -1.75
N ARG A 167 -19.66 -20.52 -2.89
CA ARG A 167 -18.93 -20.34 -4.12
C ARG A 167 -18.92 -18.86 -4.42
N TYR A 168 -17.78 -18.34 -4.88
CA TYR A 168 -17.63 -16.90 -5.10
C TYR A 168 -16.99 -16.67 -6.43
N ILE A 169 -17.35 -15.58 -7.07
CA ILE A 169 -16.68 -15.18 -8.29
C ILE A 169 -16.01 -13.86 -7.99
N ILE A 170 -14.73 -13.75 -8.29
CA ILE A 170 -14.05 -12.47 -8.19
C ILE A 170 -14.06 -11.85 -9.57
N GLU A 171 -14.80 -10.76 -9.74
CA GLU A 171 -14.89 -10.10 -11.04
C GLU A 171 -13.85 -9.00 -11.20
N ASP A 172 -12.73 -9.34 -11.84
CA ASP A 172 -11.68 -8.38 -12.16
C ASP A 172 -12.00 -7.58 -13.43
N ASP A 173 -12.71 -6.46 -13.29
CA ASP A 173 -13.08 -5.64 -14.43
C ASP A 173 -11.96 -4.72 -14.94
N TYR A 174 -10.78 -5.29 -15.15
CA TYR A 174 -9.59 -4.56 -15.60
C TYR A 174 -9.73 -4.20 -17.07
N ASP A 175 -9.18 -3.05 -17.45
CA ASP A 175 -9.59 -2.29 -18.65
C ASP A 175 -10.97 -2.59 -19.22
N SER A 176 -11.96 -2.04 -18.55
CA SER A 176 -13.34 -2.17 -18.95
C SER A 176 -13.89 -0.83 -19.40
N GLU A 177 -13.03 0.18 -19.53
CA GLU A 177 -13.50 1.55 -19.72
C GLU A 177 -13.73 1.93 -21.17
N PHE A 178 -13.09 1.20 -22.08
CA PHE A 178 -13.20 1.50 -23.50
C PHE A 178 -13.74 0.31 -24.30
N THR A 179 -14.60 0.60 -25.27
CA THR A 179 -15.30 -0.44 -25.98
C THR A 179 -15.47 -0.05 -27.46
N TYR A 180 -14.95 -0.88 -28.36
CA TYR A 180 -15.08 -0.64 -29.80
C TYR A 180 -15.79 -1.82 -30.50
N ASP A 181 -17.10 -1.91 -30.28
CA ASP A 181 -17.92 -3.06 -30.65
C ASP A 181 -19.34 -2.65 -30.27
N VAL A 182 -20.27 -3.60 -30.19
CA VAL A 182 -21.57 -3.35 -29.56
C VAL A 182 -21.28 -2.72 -28.21
N ASP A 183 -22.28 -2.06 -27.64
CA ASP A 183 -22.05 -1.30 -26.43
C ASP A 183 -21.62 -2.19 -25.25
N SER A 184 -21.50 -1.58 -24.07
CA SER A 184 -21.08 -2.28 -22.87
C SER A 184 -21.92 -3.51 -22.59
N ILE A 185 -21.38 -4.40 -21.76
CA ILE A 185 -22.13 -5.50 -21.19
C ILE A 185 -22.03 -5.37 -19.67
N PRO A 186 -23.19 -5.31 -19.00
CA PRO A 186 -23.26 -5.13 -17.56
C PRO A 186 -22.37 -6.14 -16.84
N ALA A 187 -21.72 -5.76 -15.75
CA ALA A 187 -20.80 -6.65 -15.06
C ALA A 187 -21.54 -7.87 -14.55
N LEU A 188 -20.81 -8.93 -14.25
CA LEU A 188 -21.45 -10.14 -13.72
C LEU A 188 -22.17 -9.82 -12.46
N GLN A 189 -21.55 -8.96 -11.64
CA GLN A 189 -22.11 -8.62 -10.34
C GLN A 189 -23.48 -7.98 -10.46
N SER A 190 -23.74 -7.30 -11.57
CA SER A 190 -25.02 -6.62 -11.77
C SER A 190 -26.06 -7.61 -12.25
N LEU A 191 -25.62 -8.66 -12.93
CA LEU A 191 -26.53 -9.69 -13.45
C LEU A 191 -26.88 -10.68 -12.35
N ASP A 192 -26.19 -10.58 -11.24
CA ASP A 192 -26.37 -11.51 -10.14
C ASP A 192 -27.53 -11.13 -9.25
N ARG A 193 -28.36 -12.11 -8.91
CA ARG A 193 -29.48 -11.85 -8.03
C ARG A 193 -29.25 -12.36 -6.63
N PHE A 194 -28.04 -12.86 -6.36
CA PHE A 194 -27.74 -13.56 -5.10
C PHE A 194 -26.45 -13.17 -4.37
N GLN A 195 -25.82 -12.07 -4.76
CA GLN A 195 -24.63 -11.57 -4.05
C GLN A 195 -23.49 -12.57 -3.92
N ASN A 196 -23.12 -13.22 -5.01
CA ASN A 196 -22.02 -14.17 -5.01
C ASN A 196 -20.76 -13.60 -5.62
N VAL A 197 -20.81 -12.33 -6.01
CA VAL A 197 -19.74 -11.75 -6.81
C VAL A 197 -19.02 -10.67 -6.03
N ILE A 198 -17.70 -10.71 -6.14
CA ILE A 198 -16.86 -9.65 -5.60
C ILE A 198 -16.32 -8.88 -6.79
N TYR A 199 -16.72 -7.62 -6.92
CA TYR A 199 -16.34 -6.78 -8.04
C TYR A 199 -15.09 -5.98 -7.72
N MET A 200 -14.08 -6.12 -8.56
CA MET A 200 -12.82 -5.43 -8.35
C MET A 200 -12.58 -4.43 -9.47
N GLY A 201 -12.14 -3.23 -9.12
CA GLY A 201 -11.89 -2.20 -10.10
C GLY A 201 -10.60 -1.46 -9.85
N THR A 202 -10.07 -0.83 -10.88
CA THR A 202 -8.84 -0.07 -10.73
C THR A 202 -8.92 1.19 -11.54
N PHE A 203 -8.07 2.17 -11.23
CA PHE A 203 -7.98 3.38 -12.03
C PHE A 203 -6.69 3.47 -12.81
N SER A 204 -6.05 2.32 -13.00
CA SER A 204 -4.74 2.29 -13.62
C SER A 204 -4.79 2.45 -15.12
N LYS A 205 -5.88 2.05 -15.74
CA LYS A 205 -5.95 2.17 -17.19
C LYS A 205 -6.48 3.52 -17.58
N SER A 206 -7.45 4.03 -16.83
CA SER A 206 -8.10 5.29 -17.18
C SER A 206 -7.23 6.46 -16.81
N LEU A 207 -6.56 6.37 -15.67
CA LEU A 207 -5.69 7.44 -15.23
C LEU A 207 -4.25 7.14 -15.59
N LEU A 208 -3.42 7.00 -14.57
CA LEU A 208 -2.02 6.61 -14.78
C LEU A 208 -1.68 5.58 -13.71
N PRO A 209 -0.98 4.51 -14.09
CA PRO A 209 -0.64 3.44 -13.14
C PRO A 209 0.14 3.96 -11.95
N GLY A 210 0.90 5.03 -12.17
CA GLY A 210 1.62 5.69 -11.10
C GLY A 210 0.71 5.96 -9.91
N LEU A 211 -0.46 6.51 -10.18
CA LEU A 211 -1.46 6.71 -9.13
C LEU A 211 -2.00 5.36 -8.69
N ARG A 212 -1.68 4.98 -7.47
CA ARG A 212 -2.06 3.65 -7.01
C ARG A 212 -3.43 3.73 -6.35
N ILE A 213 -4.47 3.61 -7.16
CA ILE A 213 -5.85 3.66 -6.67
C ILE A 213 -6.68 2.51 -7.25
N SER A 214 -7.27 1.70 -6.37
CA SER A 214 -8.09 0.55 -6.75
C SER A 214 -9.15 0.40 -5.69
N TYR A 215 -10.13 -0.46 -5.96
CA TYR A 215 -11.22 -0.67 -5.02
C TYR A 215 -11.86 -2.02 -5.28
N MET A 216 -12.60 -2.52 -4.30
CA MET A 216 -13.33 -3.75 -4.50
C MET A 216 -14.60 -3.66 -3.69
N VAL A 217 -15.61 -4.39 -4.14
CA VAL A 217 -16.94 -4.33 -3.55
C VAL A 217 -17.29 -5.69 -2.96
N LEU A 218 -17.56 -5.73 -1.66
CA LEU A 218 -17.80 -7.01 -0.98
C LEU A 218 -19.26 -7.36 -0.78
N PRO A 219 -19.63 -8.63 -1.00
CA PRO A 219 -20.94 -9.07 -0.53
C PRO A 219 -21.02 -8.81 0.97
N PRO A 220 -22.22 -8.58 1.49
CA PRO A 220 -22.40 -8.20 2.90
C PRO A 220 -21.69 -9.12 3.89
N GLU A 221 -21.76 -10.43 3.63
CA GLU A 221 -21.21 -11.42 4.53
C GLU A 221 -19.69 -11.33 4.64
N LEU A 222 -19.02 -10.98 3.55
CA LEU A 222 -17.56 -10.77 3.60
C LEU A 222 -17.22 -9.40 4.18
N LEU A 223 -18.14 -8.44 4.05
CA LEU A 223 -17.92 -7.15 4.67
C LEU A 223 -17.93 -7.28 6.18
N ARG A 224 -18.79 -8.13 6.72
CA ARG A 224 -18.85 -8.23 8.17
C ARG A 224 -17.62 -8.93 8.70
N ALA A 225 -17.01 -9.75 7.85
CA ALA A 225 -15.78 -10.46 8.19
C ALA A 225 -14.58 -9.53 8.16
N TYR A 226 -14.67 -8.49 7.33
CA TYR A 226 -13.64 -7.47 7.25
C TYR A 226 -13.69 -6.56 8.48
N LYS A 227 -14.88 -6.06 8.79
CA LYS A 227 -15.04 -5.16 9.92
C LYS A 227 -14.64 -5.82 11.23
N GLN A 228 -14.86 -7.13 11.33
CA GLN A 228 -14.45 -7.87 12.51
C GLN A 228 -12.94 -7.98 12.67
N ARG A 229 -12.18 -7.36 11.77
CA ARG A 229 -10.71 -7.45 11.82
C ARG A 229 -10.13 -6.43 12.78
N GLY A 230 -10.47 -5.17 12.57
CA GLY A 230 -10.15 -4.13 13.53
C GLY A 230 -8.81 -3.46 13.39
N TYR A 231 -7.86 -4.08 12.70
CA TYR A 231 -6.51 -3.52 12.67
C TYR A 231 -6.06 -2.92 11.36
N ASP A 232 -6.90 -3.00 10.34
CA ASP A 232 -6.51 -2.56 9.02
C ASP A 232 -6.43 -1.05 8.90
N LEU A 233 -5.40 -0.57 8.20
CA LEU A 233 -5.25 0.85 7.90
C LEU A 233 -5.37 1.09 6.40
N GLN A 234 -5.93 2.23 6.01
CA GLN A 234 -6.07 2.57 4.59
C GLN A 234 -4.70 2.70 3.92
N THR A 235 -4.60 2.34 2.63
CA THR A 235 -3.32 2.40 1.94
C THR A 235 -3.16 3.55 0.93
N CYS A 236 -4.24 4.26 0.64
CA CYS A 236 -4.17 5.48 -0.16
C CYS A 236 -4.24 6.71 0.72
N SER A 237 -3.34 7.69 0.49
CA SER A 237 -3.36 8.93 1.25
C SER A 237 -4.73 9.61 1.15
N SER A 238 -5.13 10.33 2.19
CA SER A 238 -6.39 11.05 2.16
C SER A 238 -6.46 12.03 1.00
N LEU A 239 -5.35 12.68 0.69
CA LEU A 239 -5.36 13.63 -0.41
C LEU A 239 -5.54 12.93 -1.76
N THR A 240 -4.95 11.75 -1.93
CA THR A 240 -5.11 11.02 -3.19
C THR A 240 -6.58 10.70 -3.44
N GLN A 241 -7.27 10.25 -2.39
CA GLN A 241 -8.69 9.89 -2.50
C GLN A 241 -9.55 11.10 -2.82
N LEU A 242 -9.25 12.22 -2.21
CA LEU A 242 -10.06 13.42 -2.39
C LEU A 242 -9.82 14.05 -3.74
N THR A 243 -8.60 13.89 -4.24
CA THR A 243 -8.25 14.33 -5.59
C THR A 243 -8.99 13.51 -6.63
N LEU A 244 -9.08 12.21 -6.42
CA LEU A 244 -9.83 11.38 -7.33
C LEU A 244 -11.29 11.80 -7.29
N GLN A 245 -11.84 11.96 -6.10
CA GLN A 245 -13.25 12.33 -5.97
C GLN A 245 -13.54 13.66 -6.65
N GLU A 246 -12.67 14.63 -6.44
CA GLU A 246 -12.81 15.88 -7.14
C GLU A 246 -12.70 15.71 -8.66
N PHE A 247 -11.83 14.81 -9.11
CA PHE A 247 -11.58 14.64 -10.54
C PHE A 247 -12.85 14.13 -11.18
N ILE A 248 -13.53 13.25 -10.45
CA ILE A 248 -14.74 12.63 -10.94
C ILE A 248 -15.95 13.55 -10.89
N GLU A 249 -16.24 14.10 -9.72
CA GLU A 249 -17.43 14.93 -9.49
C GLU A 249 -17.45 16.18 -10.36
N SER A 250 -16.27 16.72 -10.64
CA SER A 250 -16.14 17.86 -11.52
C SER A 250 -16.50 17.52 -12.96
N GLY A 251 -16.56 16.22 -13.27
CA GLY A 251 -16.93 15.78 -14.61
C GLY A 251 -15.72 15.58 -15.51
N GLU A 252 -14.55 16.00 -15.05
CA GLU A 252 -13.31 15.82 -15.79
C GLU A 252 -13.02 14.37 -16.13
N TYR A 253 -13.46 13.45 -15.28
CA TYR A 253 -13.25 12.05 -15.56
C TYR A 253 -14.08 11.70 -16.77
N GLN A 254 -15.36 12.04 -16.73
CA GLN A 254 -16.30 11.81 -17.84
C GLN A 254 -15.79 12.40 -19.15
N LYS A 255 -15.20 13.58 -19.10
CA LYS A 255 -14.67 14.22 -20.29
C LYS A 255 -13.48 13.42 -20.81
N HIS A 256 -12.61 13.05 -19.89
CA HIS A 256 -11.39 12.34 -20.21
C HIS A 256 -11.69 10.97 -20.86
N ILE A 257 -12.49 10.15 -20.21
CA ILE A 257 -12.91 8.89 -20.80
C ILE A 257 -13.55 9.04 -22.19
N LYS A 258 -14.39 10.05 -22.40
CA LYS A 258 -15.08 10.17 -23.68
C LYS A 258 -14.11 10.56 -24.77
N LYS A 259 -13.22 11.50 -24.46
CA LYS A 259 -12.14 11.86 -25.37
C LYS A 259 -11.31 10.65 -25.74
N MET A 260 -10.82 9.94 -24.72
CA MET A 260 -9.95 8.79 -24.92
C MET A 260 -10.60 7.62 -25.63
N LYS A 261 -11.88 7.40 -25.39
CA LYS A 261 -12.61 6.35 -26.09
C LYS A 261 -12.44 6.54 -27.59
N GLN A 262 -12.63 7.77 -28.03
CA GLN A 262 -12.53 8.09 -29.45
C GLN A 262 -11.08 7.98 -29.93
N HIS A 263 -10.16 8.45 -29.10
CA HIS A 263 -8.73 8.44 -29.44
C HIS A 263 -8.18 7.05 -29.60
N TYR A 264 -8.54 6.17 -28.67
CA TYR A 264 -8.05 4.80 -28.74
C TYR A 264 -8.70 4.07 -29.89
N LYS A 265 -9.97 4.32 -30.12
CA LYS A 265 -10.69 3.65 -31.20
C LYS A 265 -9.99 3.88 -32.53
N GLU A 266 -9.65 5.12 -32.81
CA GLU A 266 -9.05 5.46 -34.09
C GLU A 266 -7.62 5.00 -34.18
N LYS A 267 -6.90 5.06 -33.07
CA LYS A 267 -5.53 4.56 -33.02
C LYS A 267 -5.49 3.03 -33.18
N ARG A 268 -6.50 2.35 -32.65
CA ARG A 268 -6.57 0.91 -32.80
C ARG A 268 -6.86 0.52 -34.24
N GLU A 269 -7.69 1.32 -34.91
CA GLU A 269 -8.03 1.07 -36.31
C GLU A 269 -6.79 1.24 -37.19
N ARG A 270 -6.15 2.40 -37.07
CA ARG A 270 -4.87 2.68 -37.72
C ARG A 270 -3.86 1.54 -37.56
N LEU A 271 -3.58 1.18 -36.33
CA LEU A 271 -2.55 0.19 -36.04
C LEU A 271 -2.84 -1.15 -36.68
N ILE A 272 -4.09 -1.56 -36.68
CA ILE A 272 -4.44 -2.86 -37.23
C ILE A 272 -4.24 -2.85 -38.73
N THR A 273 -4.87 -1.88 -39.38
CA THR A 273 -4.71 -1.65 -40.81
C THR A 273 -3.25 -1.67 -41.25
N ALA A 274 -2.38 -1.03 -40.48
CA ALA A 274 -0.94 -1.01 -40.76
C ALA A 274 -0.26 -2.36 -40.50
N LEU A 275 -0.89 -3.21 -39.71
CA LEU A 275 -0.32 -4.52 -39.45
C LEU A 275 -0.63 -5.38 -40.65
N GLU A 276 -1.90 -5.34 -41.04
CA GLU A 276 -2.43 -6.12 -42.17
C GLU A 276 -1.72 -5.80 -43.47
N ALA A 277 -1.50 -4.52 -43.73
CA ALA A 277 -0.69 -4.13 -44.87
C ALA A 277 0.75 -4.64 -44.79
N GLU A 278 1.52 -4.19 -43.79
CA GLU A 278 2.92 -4.57 -43.69
C GLU A 278 3.12 -6.08 -43.70
N PHE A 279 2.19 -6.81 -43.10
CA PHE A 279 2.29 -8.26 -43.07
C PHE A 279 1.53 -8.92 -44.23
N SER A 280 0.91 -8.08 -45.06
CA SER A 280 0.17 -8.51 -46.27
C SER A 280 -1.11 -9.30 -45.99
N GLY A 281 -1.52 -9.32 -44.72
CA GLY A 281 -2.69 -10.07 -44.32
C GLY A 281 -2.29 -11.32 -43.57
N GLU A 282 -1.01 -11.66 -43.67
CA GLU A 282 -0.44 -12.88 -43.08
C GLU A 282 -0.18 -12.73 -41.56
N VAL A 283 -1.15 -12.15 -40.84
CA VAL A 283 -1.05 -12.01 -39.40
C VAL A 283 -2.44 -12.26 -38.82
N THR A 284 -2.51 -12.93 -37.67
CA THR A 284 -3.79 -13.21 -37.07
C THR A 284 -4.00 -12.35 -35.82
N VAL A 285 -5.10 -11.60 -35.80
CA VAL A 285 -5.40 -10.69 -34.70
C VAL A 285 -6.61 -11.17 -33.91
N LYS A 286 -6.49 -11.20 -32.59
CA LYS A 286 -7.61 -11.62 -31.76
C LYS A 286 -7.76 -10.68 -30.58
N GLY A 287 -8.95 -10.68 -29.98
CA GLY A 287 -9.23 -9.84 -28.83
C GLY A 287 -9.08 -8.36 -29.10
N ALA A 288 -9.73 -7.86 -30.15
CA ALA A 288 -9.58 -6.46 -30.53
C ALA A 288 -10.89 -5.68 -30.52
N ASN A 289 -11.91 -6.16 -29.78
CA ASN A 289 -13.16 -5.42 -29.71
C ASN A 289 -13.32 -4.59 -28.45
N ALA A 290 -12.30 -4.59 -27.59
CA ALA A 290 -12.33 -3.84 -26.35
C ALA A 290 -10.91 -3.68 -25.84
N GLY A 291 -10.73 -2.92 -24.78
CA GLY A 291 -9.44 -2.89 -24.08
C GLY A 291 -8.33 -2.08 -24.74
N LEU A 292 -7.12 -2.19 -24.19
CA LEU A 292 -6.01 -1.41 -24.71
C LEU A 292 -4.92 -2.26 -25.32
N HIS A 293 -5.27 -3.48 -25.72
CA HIS A 293 -4.33 -4.32 -26.43
C HIS A 293 -5.08 -5.39 -27.18
N PHE A 294 -4.40 -6.04 -28.11
CA PHE A 294 -4.90 -7.27 -28.70
C PHE A 294 -3.77 -8.24 -28.87
N VAL A 295 -4.10 -9.40 -29.42
CA VAL A 295 -3.12 -10.45 -29.59
C VAL A 295 -2.88 -10.69 -31.08
N THR A 296 -1.62 -10.81 -31.46
CA THR A 296 -1.26 -11.08 -32.86
C THR A 296 -0.41 -12.36 -32.95
N GLU A 297 -0.72 -13.22 -33.91
CA GLU A 297 0.01 -14.45 -34.12
C GLU A 297 0.65 -14.46 -35.51
N PHE A 298 1.90 -14.90 -35.57
CA PHE A 298 2.66 -14.84 -36.82
C PHE A 298 3.07 -16.20 -37.34
N ASP A 299 3.21 -16.29 -38.65
CA ASP A 299 3.81 -17.45 -39.28
C ASP A 299 5.27 -17.08 -39.53
N THR A 300 6.19 -17.75 -38.83
CA THR A 300 7.62 -17.49 -39.02
C THR A 300 8.44 -18.70 -38.55
N ARG A 301 9.69 -18.79 -39.00
CA ARG A 301 10.56 -19.88 -38.56
C ARG A 301 11.09 -19.66 -37.15
N ARG A 302 10.89 -18.45 -36.62
CA ARG A 302 11.50 -18.07 -35.35
C ARG A 302 10.68 -18.41 -34.11
N THR A 303 11.37 -18.54 -32.99
CA THR A 303 10.71 -18.83 -31.73
C THR A 303 10.29 -17.52 -31.13
N GLU A 304 9.43 -17.59 -30.11
CA GLU A 304 8.95 -16.36 -29.49
C GLU A 304 10.12 -15.62 -28.86
N GLN A 305 11.04 -16.35 -28.26
CA GLN A 305 12.17 -15.71 -27.61
C GLN A 305 13.14 -15.07 -28.62
N ASP A 306 13.20 -15.61 -29.83
CA ASP A 306 14.04 -15.00 -30.85
C ASP A 306 13.45 -13.66 -31.24
N ILE A 307 12.17 -13.65 -31.56
CA ILE A 307 11.47 -12.43 -31.89
C ILE A 307 11.60 -11.41 -30.76
N LEU A 308 11.49 -11.87 -29.52
CA LEU A 308 11.57 -10.95 -28.40
C LEU A 308 12.97 -10.44 -28.20
N SER A 309 13.95 -11.33 -28.25
CA SER A 309 15.33 -10.92 -28.13
C SER A 309 15.67 -9.93 -29.22
N HIS A 310 15.15 -10.16 -30.40
CA HIS A 310 15.47 -9.28 -31.50
C HIS A 310 14.72 -7.94 -31.40
N ALA A 311 13.41 -7.98 -31.20
CA ALA A 311 12.62 -6.76 -31.04
C ALA A 311 13.23 -5.83 -30.00
N ALA A 312 13.80 -6.39 -28.94
CA ALA A 312 14.48 -5.57 -27.95
C ALA A 312 15.63 -4.80 -28.58
N GLY A 313 16.31 -5.41 -29.53
CA GLY A 313 17.46 -4.77 -30.16
C GLY A 313 17.04 -3.64 -31.08
N LEU A 314 15.92 -3.82 -31.76
CA LEU A 314 15.34 -2.80 -32.61
C LEU A 314 14.66 -1.70 -31.78
N GLN A 315 14.87 -1.76 -30.47
CA GLN A 315 14.27 -0.79 -29.57
C GLN A 315 12.75 -0.79 -29.68
N LEU A 316 12.18 -1.97 -29.55
CA LEU A 316 10.73 -2.12 -29.58
C LEU A 316 10.34 -2.81 -28.30
N GLU A 317 9.46 -2.19 -27.54
CA GLU A 317 8.99 -2.79 -26.30
C GLU A 317 7.76 -3.63 -26.57
N ILE A 318 7.88 -4.92 -26.31
CA ILE A 318 6.81 -5.87 -26.67
C ILE A 318 6.93 -7.11 -25.82
N PHE A 319 5.82 -7.81 -25.59
CA PHE A 319 5.79 -8.96 -24.71
C PHE A 319 5.18 -10.20 -25.35
N GLY A 320 5.69 -11.36 -24.98
CA GLY A 320 5.22 -12.60 -25.55
C GLY A 320 4.12 -13.21 -24.71
N MET A 321 3.21 -13.90 -25.36
CA MET A 321 2.12 -14.53 -24.64
C MET A 321 2.59 -15.53 -23.62
N SER A 322 3.81 -16.04 -23.77
CA SER A 322 4.38 -16.98 -22.81
C SER A 322 4.45 -16.39 -21.41
N ARG A 323 4.42 -15.06 -21.35
CA ARG A 323 4.44 -14.31 -20.08
C ARG A 323 3.19 -14.62 -19.26
N PHE A 324 2.17 -15.12 -19.94
CA PHE A 324 0.88 -15.36 -19.32
C PHE A 324 0.54 -16.84 -19.28
N ASN A 325 1.53 -17.68 -19.54
CA ASN A 325 1.35 -19.10 -19.36
C ASN A 325 1.37 -19.40 -17.87
N LEU A 326 0.26 -19.92 -17.35
CA LEU A 326 0.17 -20.22 -15.95
C LEU A 326 0.68 -21.62 -15.67
N LYS A 327 -0.04 -22.63 -16.16
CA LYS A 327 0.41 -24.00 -15.97
C LYS A 327 1.61 -24.33 -16.82
N GLU A 328 2.69 -24.72 -16.14
CA GLU A 328 4.00 -24.85 -16.75
C GLU A 328 4.25 -26.18 -17.46
N ASN A 329 4.94 -26.07 -18.59
CA ASN A 329 5.48 -27.19 -19.34
C ASN A 329 6.31 -26.61 -20.47
N LYS A 330 7.37 -27.32 -20.86
CA LYS A 330 8.17 -26.93 -22.01
C LYS A 330 7.36 -27.18 -23.27
N ARG A 331 6.38 -26.30 -23.51
CA ARG A 331 5.40 -26.51 -24.57
C ARG A 331 4.99 -25.24 -25.29
N GLN A 332 5.93 -24.63 -25.99
CA GLN A 332 5.60 -23.57 -26.91
C GLN A 332 5.33 -24.20 -28.26
N THR A 333 4.06 -24.27 -28.64
CA THR A 333 3.67 -24.90 -29.90
C THR A 333 3.01 -23.92 -30.87
N GLY A 334 3.28 -24.07 -32.16
CA GLY A 334 2.57 -23.31 -33.16
C GLY A 334 3.11 -21.92 -33.44
N ARG A 335 2.22 -21.03 -33.83
CA ARG A 335 2.56 -19.65 -34.12
C ARG A 335 3.05 -18.96 -32.86
N PRO A 336 4.14 -18.18 -32.97
CA PRO A 336 4.52 -17.27 -31.90
C PRO A 336 3.38 -16.30 -31.72
N ALA A 337 3.05 -15.95 -30.49
CA ALA A 337 1.93 -15.05 -30.25
C ALA A 337 2.42 -13.91 -29.41
N LEU A 338 2.09 -12.70 -29.82
CA LEU A 338 2.54 -11.52 -29.11
C LEU A 338 1.35 -10.64 -28.78
N ILE A 339 1.42 -9.92 -27.67
CA ILE A 339 0.36 -9.01 -27.34
C ILE A 339 0.73 -7.60 -27.80
N ILE A 340 -0.19 -6.94 -28.51
CA ILE A 340 0.07 -5.61 -29.04
C ILE A 340 -0.68 -4.55 -28.25
N GLY A 341 -0.01 -3.93 -27.28
CA GLY A 341 -0.57 -2.82 -26.55
C GLY A 341 -0.43 -1.53 -27.33
N PHE A 342 -1.32 -0.57 -27.11
CA PHE A 342 -1.27 0.66 -27.88
C PHE A 342 -1.60 1.93 -27.09
N ALA A 343 -1.60 1.83 -25.77
CA ALA A 343 -1.88 3.01 -24.96
C ALA A 343 -0.68 3.94 -25.04
N ARG A 344 0.50 3.34 -25.09
CA ARG A 344 1.76 4.07 -24.98
C ARG A 344 2.33 4.34 -26.38
N LEU A 345 1.60 3.93 -27.40
CA LEU A 345 2.07 4.05 -28.77
C LEU A 345 1.62 5.34 -29.46
N LYS A 346 2.58 6.12 -29.93
CA LYS A 346 2.27 7.40 -30.59
C LYS A 346 1.56 7.21 -31.92
N GLU A 347 0.73 8.18 -32.28
CA GLU A 347 0.09 8.18 -33.59
C GLU A 347 1.15 8.11 -34.67
N GLU A 348 2.14 8.99 -34.55
CA GLU A 348 3.17 9.14 -35.57
C GLU A 348 4.05 7.90 -35.73
N ASP A 349 4.14 7.08 -34.68
CA ASP A 349 5.09 5.96 -34.63
C ASP A 349 4.50 4.58 -34.94
N ILE A 350 3.31 4.57 -35.52
CA ILE A 350 2.62 3.34 -35.86
C ILE A 350 3.31 2.60 -37.00
N GLN A 351 3.59 3.34 -38.06
CA GLN A 351 4.17 2.76 -39.28
C GLN A 351 5.56 2.24 -39.01
N GLU A 352 6.34 2.98 -38.24
CA GLU A 352 7.70 2.56 -37.92
C GLU A 352 7.69 1.36 -36.98
N GLY A 353 6.72 1.33 -36.09
CA GLY A 353 6.64 0.27 -35.10
C GLY A 353 6.31 -1.06 -35.75
N VAL A 354 5.38 -1.01 -36.69
CA VAL A 354 4.99 -2.20 -37.44
C VAL A 354 6.13 -2.71 -38.31
N GLN A 355 6.93 -1.79 -38.83
CA GLN A 355 8.06 -2.21 -39.62
C GLN A 355 9.12 -2.84 -38.74
N ARG A 356 9.38 -2.26 -37.58
CA ARG A 356 10.30 -2.87 -36.63
C ARG A 356 9.77 -4.22 -36.19
N LEU A 357 8.45 -4.32 -36.05
CA LEU A 357 7.81 -5.55 -35.63
C LEU A 357 7.98 -6.61 -36.70
N PHE A 358 7.85 -6.20 -37.95
CA PHE A 358 8.06 -7.10 -39.08
C PHE A 358 9.47 -7.70 -39.02
N LYS A 359 10.47 -6.85 -38.89
CA LYS A 359 11.87 -7.29 -38.85
C LYS A 359 12.17 -8.22 -37.69
N ALA A 360 11.54 -8.00 -36.54
CA ALA A 360 11.82 -8.83 -35.38
C ALA A 360 11.15 -10.17 -35.57
N VAL A 361 10.02 -10.19 -36.28
CA VAL A 361 9.30 -11.42 -36.55
C VAL A 361 10.03 -12.27 -37.59
N TYR A 362 10.57 -11.62 -38.61
CA TYR A 362 11.13 -12.34 -39.75
C TYR A 362 12.65 -12.27 -39.92
N GLY A 363 13.26 -11.16 -39.55
CA GLY A 363 14.70 -11.01 -39.67
C GLY A 363 15.09 -10.00 -40.74
N ASP B 1 -14.04 23.36 22.93
CA ASP B 1 -12.77 23.75 23.52
C ASP B 1 -11.94 22.58 24.05
N TRP B 2 -11.73 21.56 23.22
CA TRP B 2 -10.87 20.45 23.61
C TRP B 2 -9.37 20.81 23.59
N ILE B 3 -8.59 20.15 24.44
CA ILE B 3 -7.14 20.21 24.38
C ILE B 3 -6.64 18.78 24.32
N SER B 4 -5.69 18.52 23.45
CA SER B 4 -5.21 17.16 23.22
C SER B 4 -3.77 17.00 23.65
N PHE B 5 -3.54 16.07 24.58
CA PHE B 5 -2.20 15.67 24.97
C PHE B 5 -1.97 14.27 24.40
N SER B 6 -2.59 14.00 23.26
CA SER B 6 -2.70 12.63 22.77
C SER B 6 -2.08 12.39 21.41
N HIS B 7 -1.46 13.42 20.83
CA HIS B 7 -0.92 13.33 19.47
C HIS B 7 0.60 13.16 19.39
N MET B 8 1.02 12.24 18.52
CA MET B 8 2.42 11.85 18.40
C MET B 8 2.94 12.09 16.98
N SER B 9 2.12 12.72 16.15
CA SER B 9 2.49 13.10 14.80
C SER B 9 1.86 14.45 14.51
N SER B 10 2.54 15.26 13.71
CA SER B 10 2.06 16.62 13.43
C SER B 10 0.76 16.66 12.63
N ASP B 11 0.37 17.87 12.27
CA ASP B 11 -0.80 18.05 11.43
C ASP B 11 -0.48 19.08 10.35
N THR B 12 -1.50 19.50 9.61
CA THR B 12 -1.29 20.39 8.48
C THR B 12 -0.88 21.79 8.89
N ASP B 13 -1.17 22.16 10.13
CA ASP B 13 -0.78 23.48 10.61
C ASP B 13 0.73 23.56 10.70
N HIS B 14 1.36 22.43 10.90
CA HIS B 14 2.80 22.38 11.09
C HIS B 14 3.55 22.15 9.76
N PHE B 15 2.84 21.66 8.75
CA PHE B 15 3.48 21.19 7.53
C PHE B 15 3.46 22.20 6.39
N PRO B 16 4.64 22.49 5.80
CA PRO B 16 4.66 23.43 4.66
C PRO B 16 4.03 22.77 3.46
N ILE B 17 2.70 22.76 3.41
CA ILE B 17 2.00 22.09 2.35
C ILE B 17 2.37 22.71 1.01
N LYS B 18 2.64 24.01 0.99
CA LYS B 18 2.96 24.69 -0.26
C LYS B 18 4.29 24.25 -0.81
N SER B 19 5.30 24.11 0.04
CA SER B 19 6.60 23.59 -0.40
C SER B 19 6.43 22.21 -1.02
N TRP B 20 5.64 21.38 -0.38
CA TRP B 20 5.41 20.02 -0.87
C TRP B 20 4.79 20.01 -2.26
N PHE B 21 3.70 20.76 -2.42
CA PHE B 21 3.02 20.79 -3.69
C PHE B 21 3.90 21.32 -4.79
N ARG B 22 4.76 22.26 -4.43
CA ARG B 22 5.63 22.89 -5.41
C ARG B 22 6.77 21.95 -5.80
N CYS B 23 7.16 21.09 -4.86
CA CYS B 23 8.15 20.05 -5.15
C CYS B 23 7.52 18.99 -6.04
N GLU B 24 6.24 18.72 -5.81
CA GLU B 24 5.51 17.76 -6.61
C GLU B 24 5.46 18.22 -8.06
N GLN B 25 5.28 19.51 -8.26
CA GLN B 25 5.22 20.05 -9.61
C GLN B 25 6.54 19.81 -10.32
N LYS B 26 7.62 20.25 -9.69
CA LYS B 26 8.95 20.12 -10.26
C LYS B 26 9.32 18.66 -10.55
N ALA B 27 9.03 17.76 -9.60
CA ALA B 27 9.28 16.35 -9.81
C ALA B 27 8.51 15.87 -11.02
N ALA B 28 7.24 16.25 -11.11
CA ALA B 28 6.42 15.83 -12.24
C ALA B 28 6.99 16.31 -13.56
N SER B 29 7.49 17.55 -13.58
CA SER B 29 8.08 18.07 -14.79
C SER B 29 9.29 17.23 -15.18
N ARG B 30 10.21 17.09 -14.23
CA ARG B 30 11.44 16.34 -14.47
C ARG B 30 11.15 14.94 -14.98
N SER B 31 10.20 14.26 -14.35
CA SER B 31 9.92 12.86 -14.69
C SER B 31 8.60 12.66 -15.38
N TYR B 32 8.28 13.56 -16.30
CA TYR B 32 7.01 13.52 -17.00
C TYR B 32 6.76 12.17 -17.68
N ARG B 33 7.63 11.81 -18.61
CA ARG B 33 7.41 10.66 -19.47
C ARG B 33 7.34 9.32 -18.75
N THR B 34 7.63 9.29 -17.46
CA THR B 34 7.74 8.04 -16.72
C THR B 34 6.61 7.81 -15.73
N LEU B 35 5.65 8.73 -15.69
CA LEU B 35 4.49 8.59 -14.82
C LEU B 35 3.52 7.55 -15.37
N GLY B 36 3.56 7.39 -16.70
CA GLY B 36 2.75 6.40 -17.39
C GLY B 36 3.22 4.98 -17.13
N ASP B 37 4.38 4.84 -16.48
CA ASP B 37 4.90 3.53 -16.08
C ASP B 37 4.60 3.25 -14.61
N MET B 38 4.46 1.96 -14.27
CA MET B 38 4.42 1.59 -12.87
C MET B 38 5.84 1.49 -12.33
N SER B 39 6.00 1.86 -11.06
CA SER B 39 7.31 1.87 -10.40
C SER B 39 7.96 0.48 -10.43
N HIS B 40 9.25 0.46 -10.13
CA HIS B 40 9.95 -0.76 -9.82
C HIS B 40 9.31 -1.27 -8.52
N PRO B 41 9.13 -2.60 -8.38
CA PRO B 41 8.37 -3.11 -7.24
C PRO B 41 8.94 -2.69 -5.89
N GLN B 42 10.24 -2.46 -5.79
CA GLN B 42 10.81 -2.05 -4.53
C GLN B 42 10.65 -0.54 -4.35
N GLY B 43 10.10 0.12 -5.36
CA GLY B 43 10.10 1.56 -5.40
C GLY B 43 11.09 2.06 -6.42
N ILE B 44 10.87 3.27 -6.92
CA ILE B 44 11.76 3.87 -7.88
C ILE B 44 13.17 3.88 -7.33
N TYR B 45 14.14 3.41 -8.11
CA TYR B 45 15.48 3.23 -7.58
C TYR B 45 16.10 4.49 -7.05
N GLU B 46 16.10 5.56 -7.84
CA GLU B 46 16.76 6.80 -7.42
C GLU B 46 16.11 7.41 -6.17
N VAL B 47 14.83 7.10 -5.97
CA VAL B 47 14.16 7.46 -4.73
C VAL B 47 14.77 6.67 -3.58
N ARG B 48 14.86 5.35 -3.75
CA ARG B 48 15.56 4.52 -2.78
C ARG B 48 16.98 5.01 -2.47
N ALA B 49 17.68 5.53 -3.49
CA ALA B 49 19.04 6.05 -3.32
C ALA B 49 19.03 7.31 -2.47
N ALA B 50 18.05 8.16 -2.71
CA ALA B 50 17.92 9.39 -1.95
C ALA B 50 17.69 9.10 -0.47
N ILE B 51 16.65 8.34 -0.16
CA ILE B 51 16.35 7.97 1.21
C ILE B 51 17.56 7.35 1.89
N THR B 52 18.22 6.44 1.20
CA THR B 52 19.37 5.73 1.73
C THR B 52 20.49 6.68 2.16
N ARG B 53 20.86 7.60 1.28
CA ARG B 53 21.82 8.64 1.61
C ARG B 53 21.37 9.39 2.84
N LEU B 54 20.09 9.73 2.88
CA LEU B 54 19.53 10.46 4.01
C LEU B 54 19.71 9.69 5.31
N ILE B 55 19.18 8.47 5.35
CA ILE B 55 19.16 7.73 6.60
C ILE B 55 20.54 7.34 7.07
N SER B 56 21.51 7.32 6.18
CA SER B 56 22.86 6.93 6.55
C SER B 56 23.48 8.01 7.43
N LEU B 57 23.17 9.27 7.14
CA LEU B 57 23.79 10.36 7.88
C LEU B 57 22.96 10.83 9.07
N THR B 58 21.66 10.61 9.04
CA THR B 58 20.82 11.02 10.16
C THR B 58 20.73 9.92 11.20
N ARG B 59 20.69 8.67 10.75
CA ARG B 59 20.52 7.54 11.66
C ARG B 59 21.75 6.63 11.73
N GLY B 60 22.68 6.77 10.79
CA GLY B 60 23.84 5.90 10.77
C GLY B 60 23.50 4.54 10.21
N VAL B 61 22.34 4.45 9.56
CA VAL B 61 21.95 3.22 8.88
C VAL B 61 22.93 2.92 7.77
N LYS B 62 23.44 1.70 7.76
CA LYS B 62 24.35 1.26 6.73
C LYS B 62 23.63 0.27 5.82
N CYS B 63 23.27 0.73 4.62
CA CYS B 63 22.64 -0.13 3.63
C CYS B 63 22.69 0.41 2.20
N ARG B 64 22.28 -0.43 1.25
CA ARG B 64 22.28 -0.12 -0.17
C ARG B 64 20.85 0.01 -0.60
N PRO B 65 20.56 0.91 -1.55
CA PRO B 65 19.19 1.10 -2.00
C PRO B 65 18.61 -0.17 -2.56
N GLU B 66 19.48 -1.08 -2.95
CA GLU B 66 19.07 -2.37 -3.50
C GLU B 66 18.33 -3.20 -2.46
N GLN B 67 18.58 -2.93 -1.18
CA GLN B 67 18.00 -3.69 -0.08
C GLN B 67 16.72 -3.08 0.46
N MET B 68 16.35 -1.89 -0.04
CA MET B 68 15.25 -1.16 0.55
C MET B 68 13.94 -1.44 -0.18
N ILE B 69 12.85 -1.56 0.58
CA ILE B 69 11.53 -1.76 -0.02
C ILE B 69 10.64 -0.61 0.41
N ILE B 70 10.14 0.15 -0.55
CA ILE B 70 9.23 1.24 -0.23
C ILE B 70 7.78 0.76 -0.24
N GLY B 71 6.97 1.28 0.68
CA GLY B 71 5.58 0.89 0.73
C GLY B 71 4.66 1.96 1.27
N ALA B 72 3.37 1.75 1.06
CA ALA B 72 2.35 2.66 1.57
C ALA B 72 2.08 2.44 3.06
N GLY B 73 3.03 2.79 3.91
CA GLY B 73 2.89 2.57 5.34
C GLY B 73 3.55 1.32 5.91
N THR B 74 3.79 1.33 7.22
CA THR B 74 4.43 0.25 7.97
C THR B 74 3.65 -1.07 8.02
N GLN B 75 2.31 -0.98 8.05
CA GLN B 75 1.46 -2.17 8.07
C GLN B 75 1.71 -3.08 6.89
N VAL B 76 1.72 -2.48 5.70
CA VAL B 76 1.86 -3.25 4.46
C VAL B 76 3.27 -3.86 4.36
N LEU B 77 4.25 -3.13 4.89
CA LEU B 77 5.61 -3.61 4.96
C LEU B 77 5.73 -4.72 5.98
N MET B 78 5.04 -4.58 7.10
CA MET B 78 5.05 -5.63 8.11
C MET B 78 4.36 -6.88 7.59
N GLN B 79 3.25 -6.70 6.89
CA GLN B 79 2.52 -7.82 6.31
C GLN B 79 3.46 -8.63 5.43
N LEU B 80 4.10 -7.95 4.47
CA LEU B 80 5.07 -8.61 3.61
C LEU B 80 6.18 -9.33 4.35
N LEU B 81 6.69 -8.74 5.42
CA LEU B 81 7.81 -9.31 6.15
C LEU B 81 7.45 -10.67 6.74
N THR B 82 6.22 -10.77 7.26
CA THR B 82 5.74 -12.02 7.87
C THR B 82 5.75 -13.17 6.86
N GLU B 83 5.61 -12.81 5.59
CA GLU B 83 5.62 -13.75 4.49
C GLU B 83 7.06 -14.06 4.02
N LEU B 84 8.00 -13.18 4.33
CA LEU B 84 9.41 -13.44 4.03
C LEU B 84 10.08 -14.24 5.14
N LEU B 85 9.69 -13.98 6.39
CA LEU B 85 10.20 -14.69 7.56
C LEU B 85 9.61 -16.11 7.62
N PRO B 86 10.21 -17.01 8.42
CA PRO B 86 9.70 -18.37 8.49
C PRO B 86 8.26 -18.42 8.93
N LYS B 87 7.48 -19.27 8.28
CA LYS B 87 6.05 -19.30 8.50
C LYS B 87 5.75 -19.55 9.95
N GLU B 88 6.51 -20.44 10.55
CA GLU B 88 6.27 -20.89 11.90
C GLU B 88 7.13 -20.14 12.90
N ALA B 89 7.64 -18.98 12.50
CA ALA B 89 8.44 -18.17 13.40
C ALA B 89 7.57 -17.69 14.56
N VAL B 90 8.14 -17.68 15.77
CA VAL B 90 7.46 -17.09 16.91
C VAL B 90 7.92 -15.64 17.07
N TYR B 91 6.96 -14.73 17.22
CA TYR B 91 7.28 -13.32 17.36
C TYR B 91 7.20 -12.89 18.82
N ALA B 92 7.80 -11.76 19.14
CA ALA B 92 7.73 -11.19 20.48
C ALA B 92 7.66 -9.68 20.36
N MET B 93 6.85 -9.05 21.20
CA MET B 93 6.73 -7.60 21.16
C MET B 93 6.86 -7.01 22.56
N GLU B 94 7.28 -5.76 22.62
CA GLU B 94 7.39 -5.06 23.89
C GLU B 94 6.01 -4.84 24.50
N GLU B 95 5.92 -4.92 25.81
CA GLU B 95 4.70 -4.52 26.50
C GLU B 95 5.04 -3.62 27.67
N PRO B 96 4.53 -2.38 27.66
CA PRO B 96 3.52 -1.80 26.76
C PRO B 96 3.96 -1.62 25.31
N GLY B 97 3.01 -1.72 24.38
CA GLY B 97 3.35 -1.58 22.98
C GLY B 97 2.22 -1.18 22.07
N TYR B 98 2.53 -1.29 20.78
CA TYR B 98 1.59 -1.00 19.70
C TYR B 98 0.65 -2.19 19.54
N ARG B 99 -0.57 -2.06 20.06
CA ARG B 99 -1.51 -3.16 20.02
C ARG B 99 -1.94 -3.54 18.60
N ARG B 100 -2.10 -2.55 17.72
CA ARG B 100 -2.50 -2.79 16.35
C ARG B 100 -1.62 -3.86 15.69
N MET B 101 -0.32 -3.74 15.92
CA MET B 101 0.63 -4.70 15.36
C MET B 101 0.52 -6.07 16.02
N TYR B 102 0.10 -6.10 17.28
CA TYR B 102 -0.20 -7.35 17.97
C TYR B 102 -1.33 -8.10 17.26
N GLN B 103 -2.40 -7.38 16.92
CA GLN B 103 -3.55 -7.98 16.24
C GLN B 103 -3.19 -8.45 14.83
N LEU B 104 -2.37 -7.67 14.14
CA LEU B 104 -1.93 -8.04 12.80
C LEU B 104 -1.26 -9.40 12.87
N LEU B 105 -0.30 -9.53 13.77
CA LEU B 105 0.41 -10.80 13.93
C LEU B 105 -0.55 -11.92 14.33
N LYS B 106 -1.42 -11.65 15.30
CA LYS B 106 -2.37 -12.66 15.76
C LYS B 106 -3.32 -13.10 14.67
N ASN B 107 -3.83 -12.16 13.88
CA ASN B 107 -4.70 -12.48 12.75
C ASN B 107 -3.97 -13.29 11.69
N ALA B 108 -2.65 -13.12 11.61
CA ALA B 108 -1.88 -13.90 10.65
C ALA B 108 -1.59 -15.27 11.24
N GLY B 109 -2.17 -15.55 12.41
CA GLY B 109 -2.04 -16.85 13.04
C GLY B 109 -0.72 -17.10 13.74
N LYS B 110 0.06 -16.04 13.96
CA LYS B 110 1.36 -16.23 14.60
C LYS B 110 1.27 -16.31 16.12
N GLN B 111 2.20 -17.03 16.72
CA GLN B 111 2.42 -16.95 18.16
C GLN B 111 3.15 -15.67 18.47
N VAL B 112 2.61 -14.87 19.40
CA VAL B 112 3.29 -13.65 19.82
C VAL B 112 3.52 -13.64 21.33
N LYS B 113 4.78 -13.59 21.73
CA LYS B 113 5.14 -13.44 23.13
C LYS B 113 5.05 -11.96 23.49
N THR B 114 4.63 -11.64 24.71
CA THR B 114 4.65 -10.26 25.16
C THR B 114 5.80 -10.07 26.14
N ILE B 115 6.65 -9.09 25.86
CA ILE B 115 7.92 -8.96 26.58
C ILE B 115 8.00 -7.65 27.33
N MET B 116 8.05 -7.73 28.65
CA MET B 116 8.08 -6.55 29.49
C MET B 116 9.36 -5.75 29.33
N LEU B 117 9.36 -4.54 29.89
CA LEU B 117 10.50 -3.66 29.81
C LEU B 117 11.15 -3.51 31.17
N ASP B 118 12.44 -3.21 31.18
CA ASP B 118 13.07 -2.68 32.37
C ASP B 118 13.63 -1.32 32.01
N GLU B 119 14.58 -0.82 32.77
CA GLU B 119 15.09 0.54 32.57
C GLU B 119 16.08 0.65 31.41
N LYS B 120 16.16 -0.40 30.60
CA LYS B 120 17.02 -0.38 29.43
C LYS B 120 16.24 -0.90 28.23
N GLY B 121 14.94 -1.06 28.41
CA GLY B 121 14.07 -1.39 27.29
C GLY B 121 13.64 -2.84 27.32
N MET B 122 13.32 -3.37 26.14
CA MET B 122 12.85 -4.74 26.04
C MET B 122 13.76 -5.70 26.81
N SER B 123 13.13 -6.61 27.55
CA SER B 123 13.85 -7.46 28.49
C SER B 123 14.52 -8.65 27.85
N ILE B 124 15.85 -8.61 27.76
CA ILE B 124 16.63 -9.76 27.30
C ILE B 124 16.38 -10.97 28.20
N ALA B 125 16.16 -10.71 29.48
CA ALA B 125 15.85 -11.76 30.45
C ALA B 125 14.62 -12.50 30.01
N GLU B 126 13.54 -11.75 29.81
CA GLU B 126 12.30 -12.37 29.39
C GLU B 126 12.37 -13.00 28.00
N ILE B 127 13.27 -12.48 27.16
CA ILE B 127 13.42 -12.98 25.79
C ILE B 127 14.12 -14.34 25.77
N THR B 128 15.23 -14.44 26.51
CA THR B 128 15.96 -15.70 26.59
C THR B 128 15.15 -16.72 27.36
N ARG B 129 14.14 -16.27 28.07
CA ARG B 129 13.26 -17.16 28.80
C ARG B 129 12.16 -17.71 27.90
N GLN B 130 11.41 -16.81 27.26
CA GLN B 130 10.24 -17.20 26.47
C GLN B 130 10.59 -17.77 25.10
N GLN B 131 11.83 -17.55 24.67
CA GLN B 131 12.35 -18.14 23.44
C GLN B 131 11.56 -17.85 22.17
N PRO B 132 11.53 -16.58 21.74
CA PRO B 132 10.86 -16.29 20.47
C PRO B 132 11.87 -16.37 19.33
N ASP B 133 11.40 -16.30 18.09
CA ASP B 133 12.28 -16.37 16.93
C ASP B 133 12.55 -14.98 16.35
N VAL B 134 11.62 -14.05 16.49
CA VAL B 134 11.85 -12.70 16.00
C VAL B 134 11.32 -11.62 16.93
N LEU B 135 12.14 -10.60 17.17
CA LEU B 135 11.79 -9.57 18.11
C LEU B 135 11.26 -8.37 17.39
N VAL B 136 10.30 -7.68 17.97
CA VAL B 136 9.83 -6.43 17.41
C VAL B 136 10.10 -5.36 18.45
N THR B 137 10.93 -4.38 18.11
CA THR B 137 11.50 -3.50 19.12
C THR B 137 11.58 -2.04 18.67
N THR B 138 11.41 -1.11 19.62
CA THR B 138 11.65 0.30 19.34
C THR B 138 12.81 0.81 20.18
N PRO B 139 14.04 0.58 19.70
CA PRO B 139 15.20 0.90 20.54
C PRO B 139 15.53 2.38 20.68
N SER B 140 15.16 3.22 19.71
CA SER B 140 15.53 4.63 19.73
C SER B 140 14.71 5.46 20.71
N HIS B 141 13.50 5.01 20.99
CA HIS B 141 12.55 5.76 21.80
C HIS B 141 11.35 4.85 21.97
N GLN B 142 11.33 4.05 23.03
CA GLN B 142 10.31 3.02 23.15
C GLN B 142 8.89 3.57 23.11
N PHE B 143 8.00 2.85 22.43
CA PHE B 143 6.60 3.22 22.35
C PHE B 143 5.77 2.34 23.28
N PRO B 144 5.08 2.97 24.25
CA PRO B 144 5.07 4.41 24.48
C PRO B 144 5.84 4.86 25.74
N SER B 145 6.70 4.02 26.30
CA SER B 145 7.35 4.37 27.56
C SER B 145 8.48 5.38 27.44
N GLY B 146 9.04 5.53 26.23
CA GLY B 146 10.03 6.56 25.98
C GLY B 146 11.47 6.15 26.28
N THR B 147 11.64 4.94 26.78
CA THR B 147 12.97 4.39 27.08
C THR B 147 13.88 4.28 25.86
N ILE B 148 15.04 4.95 25.90
CA ILE B 148 16.10 4.68 24.96
C ILE B 148 16.97 3.52 25.43
N MET B 149 16.90 2.43 24.67
CA MET B 149 17.71 1.26 24.90
C MET B 149 19.18 1.66 24.75
N PRO B 150 20.00 1.37 25.76
CA PRO B 150 21.43 1.68 25.73
C PRO B 150 22.20 0.63 24.94
N VAL B 151 23.36 0.98 24.41
CA VAL B 151 24.06 0.11 23.48
C VAL B 151 24.36 -1.23 24.10
N SER B 152 24.50 -1.28 25.42
CA SER B 152 24.76 -2.54 26.11
C SER B 152 23.58 -3.48 25.92
N ARG B 153 22.38 -2.94 25.93
CA ARG B 153 21.19 -3.76 25.74
C ARG B 153 21.04 -4.10 24.27
N ARG B 154 21.41 -3.17 23.39
CA ARG B 154 21.37 -3.45 21.95
C ARG B 154 22.30 -4.61 21.60
N ILE B 155 23.52 -4.58 22.13
CA ILE B 155 24.48 -5.67 21.94
C ILE B 155 23.97 -7.00 22.48
N GLN B 156 23.20 -6.97 23.56
CA GLN B 156 22.70 -8.21 24.14
C GLN B 156 21.66 -8.82 23.22
N LEU B 157 20.84 -7.97 22.62
CA LEU B 157 19.82 -8.42 21.68
C LEU B 157 20.50 -9.00 20.44
N LEU B 158 21.48 -8.25 19.91
CA LEU B 158 22.25 -8.69 18.75
C LEU B 158 22.93 -10.04 18.95
N ASN B 159 23.63 -10.19 20.08
CA ASN B 159 24.24 -11.46 20.40
C ASN B 159 23.20 -12.55 20.46
N TRP B 160 22.06 -12.26 21.07
CA TRP B 160 21.01 -13.26 21.21
C TRP B 160 20.59 -13.77 19.84
N ALA B 161 20.41 -12.85 18.92
CA ALA B 161 19.94 -13.19 17.59
C ALA B 161 20.96 -14.03 16.83
N ALA B 162 22.25 -13.76 17.04
CA ALA B 162 23.33 -14.43 16.32
C ALA B 162 23.51 -15.88 16.75
N GLU B 163 22.98 -16.22 17.93
CA GLU B 163 23.20 -17.53 18.56
C GLU B 163 22.53 -18.73 17.90
N GLU B 164 21.40 -18.51 17.24
CA GLU B 164 20.68 -19.60 16.56
C GLU B 164 20.16 -19.12 15.21
N PRO B 165 19.87 -20.04 14.28
CA PRO B 165 19.42 -19.58 12.96
C PRO B 165 17.93 -19.21 12.94
N ARG B 166 17.52 -18.38 11.99
CA ARG B 166 16.13 -17.97 11.84
C ARG B 166 15.65 -17.05 12.97
N ARG B 167 16.62 -16.35 13.58
CA ARG B 167 16.37 -15.31 14.57
C ARG B 167 16.60 -13.95 13.95
N TYR B 168 15.63 -13.06 14.10
CA TYR B 168 15.73 -11.75 13.49
C TYR B 168 15.28 -10.71 14.48
N ILE B 169 15.73 -9.48 14.25
CA ILE B 169 15.31 -8.36 15.07
C ILE B 169 14.72 -7.30 14.17
N ILE B 170 13.43 -7.07 14.29
CA ILE B 170 12.83 -5.95 13.60
C ILE B 170 13.01 -4.70 14.45
N GLU B 171 13.53 -3.66 13.82
CA GLU B 171 13.79 -2.41 14.51
C GLU B 171 12.87 -1.30 14.00
N ASP B 172 11.87 -0.95 14.80
CA ASP B 172 10.91 0.07 14.39
C ASP B 172 11.42 1.46 14.73
N ASP B 173 11.99 2.14 13.75
CA ASP B 173 12.48 3.49 13.95
C ASP B 173 11.44 4.45 13.40
N TYR B 174 10.68 5.10 14.28
CA TYR B 174 9.51 5.84 13.84
C TYR B 174 9.54 7.35 14.02
N ASP B 175 10.22 7.85 15.05
CA ASP B 175 10.24 9.29 15.30
C ASP B 175 11.63 9.86 15.58
N SER B 176 12.65 9.26 14.97
CA SER B 176 14.02 9.60 15.30
C SER B 176 14.58 10.83 14.58
N GLU B 177 13.70 11.60 13.96
CA GLU B 177 14.12 12.87 13.36
C GLU B 177 14.20 13.95 14.44
N PHE B 178 13.56 13.68 15.57
CA PHE B 178 13.53 14.63 16.68
C PHE B 178 14.28 14.10 17.91
N THR B 179 15.52 14.56 18.08
CA THR B 179 16.31 14.29 19.28
C THR B 179 16.74 15.62 19.91
N TYR B 180 16.48 15.78 21.20
CA TYR B 180 16.74 17.06 21.86
C TYR B 180 18.00 17.02 22.73
N ASP B 181 18.63 18.17 22.93
CA ASP B 181 19.90 18.24 23.65
C ASP B 181 20.98 17.33 23.04
N VAL B 182 21.53 16.42 23.85
CA VAL B 182 22.61 15.53 23.43
C VAL B 182 22.29 14.85 22.10
N ASP B 183 23.30 14.72 21.26
CA ASP B 183 23.15 14.02 20.00
C ASP B 183 22.70 12.59 20.26
N SER B 184 22.10 11.98 19.24
CA SER B 184 21.48 10.68 19.40
C SER B 184 22.48 9.53 19.47
N ILE B 185 22.03 8.37 19.93
CA ILE B 185 22.71 7.11 19.72
C ILE B 185 22.18 6.60 18.37
N PRO B 186 23.07 6.12 17.49
CA PRO B 186 22.62 5.68 16.16
C PRO B 186 21.62 4.52 16.22
N ALA B 187 21.05 4.18 15.05
CA ALA B 187 20.13 3.05 14.94
C ALA B 187 20.82 1.76 15.34
N LEU B 188 20.06 0.82 15.88
CA LEU B 188 20.57 -0.48 16.29
C LEU B 188 21.28 -1.19 15.15
N GLN B 189 20.72 -1.10 13.95
CA GLN B 189 21.26 -1.84 12.81
C GLN B 189 22.61 -1.29 12.36
N SER B 190 23.02 -0.17 12.92
CA SER B 190 24.35 0.35 12.62
C SER B 190 25.38 -0.55 13.28
N LEU B 191 24.96 -1.22 14.36
CA LEU B 191 25.78 -2.18 15.07
C LEU B 191 25.68 -3.60 14.49
N ASP B 192 24.79 -3.80 13.53
CA ASP B 192 24.42 -5.13 13.07
C ASP B 192 25.45 -5.74 12.13
N ARG B 193 26.41 -6.47 12.71
CA ARG B 193 27.48 -7.05 11.92
C ARG B 193 27.09 -8.36 11.25
N PHE B 194 26.10 -9.08 11.79
CA PHE B 194 25.75 -10.38 11.20
C PHE B 194 24.44 -10.40 10.43
N GLN B 195 24.01 -9.24 9.94
CA GLN B 195 22.81 -9.12 9.12
C GLN B 195 21.55 -9.69 9.74
N ASN B 196 21.38 -9.48 11.04
CA ASN B 196 20.18 -9.95 11.74
C ASN B 196 19.10 -8.88 11.94
N VAL B 197 19.36 -7.63 11.55
CA VAL B 197 18.37 -6.58 11.80
C VAL B 197 17.65 -6.12 10.53
N ILE B 198 16.33 -6.02 10.63
CA ILE B 198 15.52 -5.46 9.56
C ILE B 198 15.08 -4.08 10.02
N TYR B 199 15.55 -3.06 9.34
CA TYR B 199 15.27 -1.70 9.75
C TYR B 199 13.97 -1.24 9.11
N MET B 200 13.09 -0.70 9.94
CA MET B 200 11.80 -0.22 9.49
C MET B 200 11.68 1.26 9.81
N GLY B 201 11.49 2.08 8.78
CA GLY B 201 11.42 3.51 8.98
C GLY B 201 10.22 4.09 8.26
N THR B 202 9.90 5.34 8.59
CA THR B 202 8.71 5.93 8.02
C THR B 202 8.87 7.42 7.97
N PHE B 203 8.01 8.08 7.18
CA PHE B 203 8.00 9.53 7.16
C PHE B 203 6.72 10.04 7.80
N SER B 204 6.03 9.16 8.52
CA SER B 204 4.76 9.47 9.16
C SER B 204 4.86 10.56 10.23
N LYS B 205 5.99 10.62 10.92
CA LYS B 205 6.15 11.59 11.99
C LYS B 205 6.76 12.88 11.47
N SER B 206 7.95 12.78 10.90
CA SER B 206 8.66 13.92 10.32
C SER B 206 7.85 14.67 9.26
N LEU B 207 6.90 14.00 8.62
CA LEU B 207 6.00 14.66 7.69
C LEU B 207 4.54 14.36 8.00
N LEU B 208 4.07 13.19 7.52
CA LEU B 208 2.66 12.83 7.35
C LEU B 208 1.63 13.90 7.59
N PRO B 209 1.32 14.61 6.51
CA PRO B 209 -0.06 15.06 6.31
C PRO B 209 -0.88 13.98 5.56
N GLY B 210 -0.94 12.78 6.13
CA GLY B 210 -1.68 11.67 5.55
C GLY B 210 -0.88 10.77 4.62
N LEU B 211 0.33 11.21 4.29
CA LEU B 211 1.18 10.49 3.36
C LEU B 211 1.45 9.09 3.85
N ARG B 212 1.28 8.13 2.95
CA ARG B 212 1.58 6.76 3.25
C ARG B 212 2.91 6.40 2.62
N ILE B 213 4.01 6.71 3.30
CA ILE B 213 5.36 6.41 2.80
C ILE B 213 6.23 5.92 3.92
N SER B 214 6.62 4.66 3.84
CA SER B 214 7.52 4.07 4.80
C SER B 214 8.56 3.29 4.00
N TYR B 215 9.47 2.56 4.65
CA TYR B 215 10.46 1.78 3.91
C TYR B 215 11.08 0.77 4.84
N MET B 216 11.55 -0.35 4.31
CA MET B 216 12.29 -1.28 5.15
C MET B 216 13.55 -1.83 4.48
N VAL B 217 14.58 -2.01 5.30
CA VAL B 217 15.88 -2.42 4.80
C VAL B 217 16.12 -3.88 5.17
N LEU B 218 16.25 -4.74 4.17
CA LEU B 218 16.28 -6.19 4.38
C LEU B 218 17.68 -6.78 4.34
N PRO B 219 17.94 -7.78 5.20
CA PRO B 219 19.17 -8.56 5.10
C PRO B 219 19.07 -9.40 3.84
N PRO B 220 20.20 -9.67 3.20
CA PRO B 220 20.27 -10.34 1.90
C PRO B 220 19.42 -11.61 1.79
N GLU B 221 19.31 -12.39 2.86
CA GLU B 221 18.52 -13.62 2.81
C GLU B 221 17.05 -13.34 2.58
N LEU B 222 16.53 -12.35 3.29
CA LEU B 222 15.14 -11.98 3.14
C LEU B 222 14.90 -11.30 1.81
N LEU B 223 15.85 -10.48 1.38
CA LEU B 223 15.79 -9.85 0.06
C LEU B 223 15.72 -10.87 -1.07
N ARG B 224 16.50 -11.95 -0.97
CA ARG B 224 16.44 -13.05 -1.93
C ARG B 224 15.09 -13.76 -1.89
N ALA B 225 14.58 -13.96 -0.68
CA ALA B 225 13.23 -14.47 -0.48
C ALA B 225 12.20 -13.63 -1.22
N TYR B 226 12.38 -12.31 -1.14
CA TYR B 226 11.50 -11.35 -1.78
C TYR B 226 11.56 -11.45 -3.30
N LYS B 227 12.77 -11.56 -3.82
CA LYS B 227 12.97 -11.65 -5.25
C LYS B 227 12.52 -12.99 -5.80
N GLN B 228 12.31 -13.96 -4.91
CA GLN B 228 11.87 -15.27 -5.33
C GLN B 228 10.38 -15.26 -5.67
N ARG B 229 9.64 -14.34 -5.06
CA ARG B 229 8.19 -14.29 -5.25
C ARG B 229 7.82 -13.85 -6.65
N GLY B 230 8.46 -12.77 -7.11
CA GLY B 230 8.27 -12.24 -8.45
C GLY B 230 6.94 -11.62 -8.78
N TYR B 231 6.04 -11.56 -7.80
CA TYR B 231 4.69 -11.07 -8.05
C TYR B 231 4.29 -9.76 -7.36
N ASP B 232 5.23 -9.13 -6.65
CA ASP B 232 4.96 -7.91 -5.88
C ASP B 232 5.01 -6.60 -6.69
N LEU B 233 4.06 -5.70 -6.41
CA LEU B 233 3.94 -4.43 -7.10
C LEU B 233 4.02 -3.33 -6.07
N GLN B 234 4.57 -2.18 -6.43
CA GLN B 234 4.76 -1.08 -5.48
C GLN B 234 3.42 -0.51 -5.09
N THR B 235 3.24 -0.17 -3.81
CA THR B 235 1.97 0.32 -3.30
C THR B 235 1.93 1.84 -3.15
N CYS B 236 3.10 2.44 -3.10
CA CYS B 236 3.23 3.88 -2.88
C CYS B 236 3.21 4.58 -4.22
N SER B 237 2.32 5.57 -4.37
CA SER B 237 2.13 6.19 -5.69
C SER B 237 3.44 6.78 -6.17
N SER B 238 3.69 6.67 -7.46
CA SER B 238 4.96 7.13 -8.02
C SER B 238 5.14 8.62 -7.80
N LEU B 239 4.02 9.33 -7.79
CA LEU B 239 4.02 10.78 -7.59
C LEU B 239 4.50 11.11 -6.18
N THR B 240 3.94 10.42 -5.18
CA THR B 240 4.37 10.61 -3.80
C THR B 240 5.88 10.37 -3.68
N GLN B 241 6.36 9.32 -4.35
CA GLN B 241 7.76 8.97 -4.33
C GLN B 241 8.68 10.05 -4.89
N LEU B 242 8.38 10.52 -6.07
CA LEU B 242 9.23 11.51 -6.70
C LEU B 242 9.17 12.82 -5.96
N THR B 243 8.01 13.13 -5.41
CA THR B 243 7.85 14.39 -4.70
C THR B 243 8.80 14.38 -3.54
N LEU B 244 8.67 13.36 -2.71
CA LEU B 244 9.52 13.24 -1.53
C LEU B 244 10.99 13.31 -1.92
N GLN B 245 11.35 12.70 -3.03
CA GLN B 245 12.73 12.75 -3.47
C GLN B 245 13.13 14.18 -3.77
N GLU B 246 12.25 14.93 -4.41
CA GLU B 246 12.55 16.32 -4.70
C GLU B 246 12.62 17.12 -3.41
N PHE B 247 11.70 16.84 -2.50
CA PHE B 247 11.59 17.54 -1.22
C PHE B 247 12.89 17.40 -0.51
N ILE B 248 13.39 16.17 -0.49
CA ILE B 248 14.64 15.85 0.17
C ILE B 248 15.81 16.55 -0.50
N GLU B 249 16.00 16.29 -1.80
CA GLU B 249 17.19 16.78 -2.53
C GLU B 249 17.21 18.29 -2.79
N SER B 250 16.04 18.93 -2.72
CA SER B 250 15.98 20.38 -2.87
C SER B 250 16.44 21.05 -1.59
N GLY B 251 16.55 20.29 -0.53
CA GLY B 251 16.98 20.83 0.75
C GLY B 251 15.81 21.17 1.66
N GLU B 252 14.62 21.22 1.09
CA GLU B 252 13.41 21.59 1.83
C GLU B 252 13.16 20.73 3.04
N TYR B 253 13.56 19.47 2.96
CA TYR B 253 13.32 18.52 4.04
C TYR B 253 14.12 18.83 5.29
N GLN B 254 15.43 19.02 5.14
CA GLN B 254 16.27 19.27 6.30
C GLN B 254 15.88 20.58 6.93
N LYS B 255 15.56 21.55 6.09
CA LYS B 255 15.06 22.83 6.54
C LYS B 255 13.79 22.68 7.38
N HIS B 256 12.90 21.79 6.96
CA HIS B 256 11.69 21.47 7.72
C HIS B 256 12.08 20.82 9.04
N ILE B 257 12.96 19.84 8.97
CA ILE B 257 13.34 19.08 10.16
C ILE B 257 14.01 19.97 11.19
N LYS B 258 14.85 20.87 10.71
CA LYS B 258 15.54 21.81 11.59
C LYS B 258 14.53 22.68 12.34
N LYS B 259 13.54 23.19 11.62
CA LYS B 259 12.53 24.04 12.19
C LYS B 259 11.66 23.30 13.20
N MET B 260 11.13 22.15 12.80
CA MET B 260 10.27 21.35 13.67
C MET B 260 10.98 20.96 14.96
N LYS B 261 12.22 20.54 14.83
CA LYS B 261 13.01 20.17 15.98
C LYS B 261 13.01 21.29 17.01
N GLN B 262 13.33 22.51 16.59
CA GLN B 262 13.39 23.61 17.53
C GLN B 262 12.02 23.86 18.14
N HIS B 263 11.01 23.85 17.29
CA HIS B 263 9.62 24.00 17.72
C HIS B 263 9.24 22.97 18.77
N TYR B 264 9.46 21.70 18.49
CA TYR B 264 9.18 20.65 19.47
C TYR B 264 10.10 20.74 20.69
N LYS B 265 11.31 21.23 20.50
CA LYS B 265 12.23 21.43 21.62
C LYS B 265 11.70 22.50 22.55
N GLU B 266 11.18 23.57 21.97
CA GLU B 266 10.53 24.61 22.73
C GLU B 266 9.36 24.04 23.53
N LYS B 267 8.43 23.40 22.83
CA LYS B 267 7.18 22.92 23.45
C LYS B 267 7.42 21.95 24.57
N ARG B 268 8.34 21.01 24.37
CA ARG B 268 8.67 20.04 25.39
C ARG B 268 9.18 20.78 26.62
N GLU B 269 10.07 21.75 26.41
CA GLU B 269 10.58 22.60 27.48
C GLU B 269 9.44 23.34 28.17
N ARG B 270 8.70 24.12 27.40
CA ARG B 270 7.64 24.93 27.97
C ARG B 270 6.57 24.07 28.65
N LEU B 271 6.29 22.90 28.09
CA LEU B 271 5.27 22.03 28.68
C LEU B 271 5.76 21.39 29.97
N ILE B 272 7.02 20.98 29.99
CA ILE B 272 7.54 20.36 31.20
C ILE B 272 7.69 21.37 32.32
N THR B 273 8.17 22.56 31.99
CA THR B 273 8.20 23.67 32.95
C THR B 273 6.83 23.87 33.60
N ALA B 274 5.78 23.94 32.78
CA ALA B 274 4.43 24.11 33.27
C ALA B 274 3.98 22.95 34.16
N LEU B 275 4.26 21.72 33.75
CA LEU B 275 3.91 20.57 34.56
C LEU B 275 4.61 20.65 35.90
N GLU B 276 5.88 21.02 35.87
CA GLU B 276 6.67 21.08 37.10
C GLU B 276 6.16 22.23 37.95
N ALA B 277 5.59 23.24 37.32
CA ALA B 277 5.11 24.43 38.03
C ALA B 277 3.82 24.18 38.78
N GLU B 278 2.86 23.52 38.14
CA GLU B 278 1.59 23.25 38.79
C GLU B 278 1.59 22.02 39.68
N PHE B 279 2.56 21.13 39.47
CA PHE B 279 2.63 19.89 40.27
C PHE B 279 3.77 19.88 41.28
N SER B 280 4.96 20.30 40.84
CA SER B 280 6.20 20.17 41.61
C SER B 280 6.59 18.71 41.83
N GLY B 281 6.96 18.36 43.06
CA GLY B 281 7.45 17.02 43.37
C GLY B 281 6.41 15.95 43.19
N GLU B 282 5.22 16.34 42.76
CA GLU B 282 4.13 15.40 42.65
C GLU B 282 4.01 14.82 41.23
N VAL B 283 4.79 15.37 40.30
CA VAL B 283 4.89 14.80 38.97
C VAL B 283 6.29 14.24 38.70
N THR B 284 6.33 13.05 38.09
CA THR B 284 7.56 12.51 37.56
C THR B 284 7.45 12.39 36.06
N VAL B 285 8.37 13.07 35.36
CA VAL B 285 8.44 13.00 33.92
C VAL B 285 9.42 11.90 33.57
N LYS B 286 8.89 10.75 33.17
CA LYS B 286 9.71 9.64 32.71
C LYS B 286 9.68 9.59 31.20
N GLY B 287 10.83 9.39 30.59
CA GLY B 287 10.91 9.38 29.15
C GLY B 287 12.13 10.12 28.68
N ALA B 288 12.52 9.88 27.44
CA ALA B 288 13.75 10.41 26.90
C ALA B 288 13.59 11.84 26.45
N ASN B 289 14.69 12.44 26.04
CA ASN B 289 14.67 13.76 25.44
C ASN B 289 14.59 13.59 23.93
N ALA B 290 13.53 12.92 23.47
CA ALA B 290 13.35 12.66 22.05
C ALA B 290 11.88 12.45 21.75
N GLY B 291 11.52 12.40 20.47
CA GLY B 291 10.16 12.10 20.06
C GLY B 291 9.10 13.18 20.28
N LEU B 292 7.84 12.78 20.19
CA LEU B 292 6.73 13.71 20.27
C LEU B 292 5.82 13.34 21.43
N HIS B 293 6.37 12.58 22.36
CA HIS B 293 5.62 12.14 23.53
C HIS B 293 6.54 11.86 24.71
N PHE B 294 5.97 11.90 25.90
CA PHE B 294 6.64 11.42 27.10
C PHE B 294 5.67 10.82 28.10
N VAL B 295 6.18 10.37 29.24
CA VAL B 295 5.35 9.72 30.24
C VAL B 295 5.30 10.49 31.56
N THR B 296 4.10 10.73 32.06
CA THR B 296 3.93 11.37 33.36
C THR B 296 3.36 10.41 34.39
N GLU B 297 4.11 10.23 35.47
CA GLU B 297 3.65 9.48 36.63
C GLU B 297 3.24 10.44 37.73
N PHE B 298 2.05 10.23 38.28
CA PHE B 298 1.52 11.15 39.29
C PHE B 298 1.45 10.57 40.70
N ASP B 299 1.87 11.38 41.67
CA ASP B 299 1.82 10.97 43.08
C ASP B 299 0.46 11.40 43.68
N THR B 300 -0.59 10.65 43.34
CA THR B 300 -1.96 10.96 43.76
C THR B 300 -2.68 9.70 44.21
N ARG B 301 -3.80 9.86 44.93
CA ARG B 301 -4.60 8.73 45.40
C ARG B 301 -5.72 8.35 44.42
N ARG B 302 -5.80 9.05 43.30
CA ARG B 302 -6.76 8.71 42.23
C ARG B 302 -6.25 7.52 41.43
N THR B 303 -7.16 6.72 40.87
CA THR B 303 -6.76 5.66 39.93
C THR B 303 -6.72 6.21 38.52
N GLU B 304 -5.96 5.55 37.66
CA GLU B 304 -5.81 5.93 36.26
C GLU B 304 -7.15 6.22 35.60
N GLN B 305 -8.09 5.29 35.73
CA GLN B 305 -9.40 5.43 35.09
C GLN B 305 -10.20 6.62 35.67
N ASP B 306 -10.00 6.90 36.95
CA ASP B 306 -10.63 8.07 37.55
C ASP B 306 -10.17 9.33 36.83
N ILE B 307 -8.84 9.53 36.81
CA ILE B 307 -8.20 10.66 36.15
C ILE B 307 -8.66 10.80 34.70
N LEU B 308 -8.61 9.70 33.95
CA LEU B 308 -9.03 9.70 32.57
C LEU B 308 -10.47 10.13 32.46
N SER B 309 -11.27 9.68 33.42
CA SER B 309 -12.69 10.01 33.43
C SER B 309 -12.93 11.47 33.79
N HIS B 310 -12.18 11.99 34.76
CA HIS B 310 -12.29 13.41 35.08
C HIS B 310 -11.68 14.24 33.96
N ALA B 311 -10.64 13.72 33.31
CA ALA B 311 -10.02 14.42 32.18
C ALA B 311 -10.99 14.67 31.02
N ALA B 312 -11.77 13.67 30.63
CA ALA B 312 -12.72 13.86 29.54
C ALA B 312 -13.81 14.87 29.88
N GLY B 313 -14.14 14.95 31.17
CA GLY B 313 -15.12 15.91 31.64
C GLY B 313 -14.62 17.33 31.59
N LEU B 314 -13.31 17.50 31.65
CA LEU B 314 -12.70 18.83 31.54
C LEU B 314 -12.30 19.09 30.09
N GLN B 315 -12.72 18.18 29.20
CA GLN B 315 -12.37 18.27 27.79
C GLN B 315 -10.87 18.27 27.54
N LEU B 316 -10.16 17.42 28.24
CA LEU B 316 -8.75 17.24 28.02
C LEU B 316 -8.60 15.83 27.51
N GLU B 317 -7.89 15.65 26.41
CA GLU B 317 -7.74 14.32 25.85
C GLU B 317 -6.36 13.77 26.16
N ILE B 318 -6.32 12.64 26.88
CA ILE B 318 -5.08 11.98 27.24
C ILE B 318 -5.26 10.46 27.19
N PHE B 319 -4.15 9.74 27.38
CA PHE B 319 -4.21 8.30 27.54
C PHE B 319 -3.33 7.85 28.69
N GLY B 320 -3.80 6.86 29.44
CA GLY B 320 -2.99 6.24 30.45
C GLY B 320 -2.25 5.06 29.84
N MET B 321 -1.30 4.52 30.58
CA MET B 321 -0.50 3.41 30.10
C MET B 321 -1.31 2.20 29.67
N SER B 322 -2.38 1.90 30.40
CA SER B 322 -3.16 0.68 30.18
C SER B 322 -3.69 0.52 28.75
N ARG B 323 -3.77 1.61 28.01
CA ARG B 323 -4.23 1.57 26.62
C ARG B 323 -3.25 0.80 25.75
N PHE B 324 -1.98 0.88 26.12
CA PHE B 324 -0.91 0.32 25.32
C PHE B 324 -0.57 -1.08 25.74
N ASN B 325 -1.47 -1.71 26.49
CA ASN B 325 -1.36 -3.13 26.68
C ASN B 325 -1.70 -3.78 25.36
N LEU B 326 -1.06 -4.91 25.10
CA LEU B 326 -1.24 -5.59 23.84
C LEU B 326 -2.44 -6.50 23.96
N LYS B 327 -2.52 -7.16 25.10
CA LYS B 327 -3.51 -8.20 25.34
C LYS B 327 -4.37 -7.80 26.54
N GLU B 328 -5.54 -8.43 26.68
CA GLU B 328 -6.35 -8.33 27.90
C GLU B 328 -7.28 -9.54 28.08
N ASN B 329 -7.33 -10.05 29.31
CA ASN B 329 -8.20 -11.17 29.69
C ASN B 329 -8.28 -11.30 31.22
N LYS B 330 -9.37 -10.80 31.79
CA LYS B 330 -9.69 -10.91 33.24
C LYS B 330 -9.01 -9.90 34.19
N ARG B 331 -8.28 -8.93 33.65
CA ARG B 331 -7.70 -7.87 34.46
C ARG B 331 -8.03 -6.48 33.87
N GLN B 332 -7.51 -5.41 34.48
CA GLN B 332 -7.85 -4.06 33.98
C GLN B 332 -6.75 -2.99 34.11
N THR B 333 -7.12 -1.77 34.51
CA THR B 333 -6.22 -0.63 34.46
C THR B 333 -5.20 -0.61 35.60
N GLY B 334 -4.67 0.59 35.91
CA GLY B 334 -3.68 0.74 36.96
C GLY B 334 -3.72 2.05 37.74
N ARG B 335 -2.53 2.61 37.99
CA ARG B 335 -2.34 3.79 38.85
C ARG B 335 -1.57 4.91 38.08
N PRO B 336 -1.87 6.18 38.39
CA PRO B 336 -1.50 7.38 37.61
C PRO B 336 -0.17 7.36 36.83
N ALA B 337 -0.19 6.72 35.66
CA ALA B 337 0.88 6.87 34.68
C ALA B 337 0.23 7.16 33.34
N LEU B 338 0.42 8.39 32.85
CA LEU B 338 -0.20 8.78 31.60
C LEU B 338 0.88 9.04 30.58
N ILE B 339 0.54 8.92 29.31
CA ILE B 339 1.46 9.35 28.30
C ILE B 339 0.98 10.69 27.73
N ILE B 340 1.91 11.62 27.62
CA ILE B 340 1.59 12.93 27.08
C ILE B 340 2.16 12.97 25.67
N GLY B 341 1.31 13.29 24.68
CA GLY B 341 1.78 13.44 23.31
C GLY B 341 1.54 14.87 22.89
N PHE B 342 2.58 15.55 22.43
CA PHE B 342 2.49 16.99 22.23
C PHE B 342 2.75 17.44 20.80
N ALA B 343 2.48 16.58 19.85
CA ALA B 343 2.71 16.91 18.46
C ALA B 343 1.71 17.97 17.99
N ARG B 344 0.48 17.85 18.45
CA ARG B 344 -0.57 18.81 18.15
C ARG B 344 -1.05 19.54 19.40
N LEU B 345 -0.13 20.14 20.13
CA LEU B 345 -0.46 20.92 21.30
C LEU B 345 -0.15 22.38 21.05
N LYS B 346 -1.18 23.21 20.90
CA LYS B 346 -0.96 24.65 20.75
C LYS B 346 -0.20 25.18 21.94
N GLU B 347 0.73 26.09 21.69
CA GLU B 347 1.44 26.74 22.77
C GLU B 347 0.48 27.46 23.71
N GLU B 348 -0.56 28.09 23.16
CA GLU B 348 -1.56 28.77 24.00
C GLU B 348 -2.33 27.80 24.87
N ASP B 349 -2.32 26.52 24.51
CA ASP B 349 -3.06 25.52 25.22
C ASP B 349 -2.26 24.85 26.33
N ILE B 350 -0.99 25.20 26.47
CA ILE B 350 -0.12 24.53 27.43
C ILE B 350 -0.55 24.72 28.90
N GLN B 351 -0.63 25.97 29.37
CA GLN B 351 -0.97 26.22 30.77
C GLN B 351 -2.38 25.76 31.13
N GLU B 352 -3.35 26.02 30.26
CA GLU B 352 -4.69 25.56 30.55
C GLU B 352 -4.74 24.04 30.54
N GLY B 353 -4.08 23.42 29.58
CA GLY B 353 -4.03 21.97 29.54
C GLY B 353 -3.43 21.38 30.81
N VAL B 354 -2.42 22.04 31.34
CA VAL B 354 -1.75 21.58 32.55
C VAL B 354 -2.61 21.83 33.78
N GLN B 355 -3.49 22.82 33.68
CA GLN B 355 -4.37 23.13 34.80
C GLN B 355 -5.52 22.16 34.86
N ARG B 356 -6.05 21.78 33.70
CA ARG B 356 -7.03 20.72 33.65
C ARG B 356 -6.45 19.41 34.13
N LEU B 357 -5.22 19.13 33.71
CA LEU B 357 -4.60 17.87 34.07
C LEU B 357 -4.46 17.81 35.59
N PHE B 358 -4.10 18.94 36.20
CA PHE B 358 -4.01 19.04 37.66
C PHE B 358 -5.36 18.77 38.29
N LYS B 359 -6.41 19.35 37.74
CA LYS B 359 -7.73 19.13 38.29
C LYS B 359 -8.06 17.65 38.24
N ALA B 360 -8.00 17.06 37.04
CA ALA B 360 -8.32 15.64 36.84
C ALA B 360 -7.49 14.66 37.66
N VAL B 361 -6.28 15.05 38.04
CA VAL B 361 -5.39 14.21 38.85
C VAL B 361 -5.78 14.21 40.35
N TYR B 362 -6.54 15.21 40.80
CA TYR B 362 -7.13 15.15 42.16
C TYR B 362 -8.64 15.31 42.19
N GLY B 363 -9.18 16.05 41.23
CA GLY B 363 -10.61 16.30 41.22
C GLY B 363 -10.90 17.62 41.87
N HIS B 364 -9.83 18.31 42.26
CA HIS B 364 -9.98 19.62 42.85
C HIS B 364 -9.10 20.63 42.14
N ARG B 365 -9.58 21.87 42.10
CA ARG B 365 -8.86 23.03 41.60
C ARG B 365 -9.05 23.33 40.12
N1 PLP C . -6.17 -7.05 -13.16
C2 PLP C . -5.31 -7.61 -14.04
C2A PLP C . -5.59 -8.97 -14.62
C3 PLP C . -4.08 -6.88 -14.44
O3 PLP C . -3.19 -7.40 -15.31
C4 PLP C . -3.85 -5.54 -13.84
C4A PLP C . -2.66 -4.74 -14.16
C5 PLP C . -4.87 -5.05 -12.88
C6 PLP C . -5.98 -5.84 -12.60
C5A PLP C . -4.74 -3.70 -12.23
O4P PLP C . -3.78 -3.74 -11.17
P PLP C . -3.58 -2.44 -10.25
O1P PLP C . -4.96 -2.17 -9.74
O2P PLP C . -3.04 -1.39 -11.19
O3P PLP C . -2.60 -2.88 -9.20
N ABU D . -1.75 -5.12 -14.78
CD ABU D . -0.64 -4.84 -15.65
CB ABU D . 0.41 -5.93 -15.53
CG ABU D . 0.31 -6.92 -16.67
C ABU D . 1.58 -7.74 -16.76
O ABU D . 2.25 -7.91 -15.72
OXT ABU D . 1.91 -8.22 -17.86
N1 PLP E . 5.40 2.25 14.67
C2 PLP E . 4.89 3.02 15.66
C2A PLP E . 5.07 2.62 17.10
C3 PLP E . 4.16 4.26 15.31
O3 PLP E . 3.63 5.06 16.28
C4 PLP E . 4.03 4.61 13.88
C4A PLP E . 3.32 5.83 13.45
C5 PLP E . 4.63 3.69 12.90
C6 PLP E . 5.30 2.55 13.36
C5A PLP E . 4.55 3.97 11.42
O4P PLP E . 3.22 3.79 10.94
P PLP E . 2.85 4.21 9.43
O1P PLP E . 1.90 5.37 9.59
O2P PLP E . 2.22 2.95 8.87
O3P PLP E . 4.17 4.56 8.81
#